data_9FNF
#
_entry.id   9FNF
#
_cell.length_a   137.194
_cell.length_b   84.745
_cell.length_c   103.322
_cell.angle_alpha   90.000
_cell.angle_beta   130.853
_cell.angle_gamma   90.000
#
_symmetry.space_group_name_H-M   'C 1 2 1'
#
loop_
_entity.id
_entity.type
_entity.pdbx_description
1 polymer 'Glycoside hydrolase family 71'
2 non-polymer 'SULFATE ION'
3 non-polymer 2-[BIS-(2-HYDROXY-ETHYL)-AMINO]-2-HYDROXYMETHYL-PROPANE-1,3-DIOL
4 non-polymer 'SODIUM ION'
5 water water
#
_entity_poly.entity_id   1
_entity_poly.type   'polypeptide(L)'
_entity_poly.pdbx_seq_one_letter_code
;MGSSHHHHHHSSENLYFQGHSLPGANSLTIRKDSNKYVTAHFMVGIVENYTVDDWKHDMELAKETGIDAFALNCASIDSY
TDKQLAYAYEAAEEVDFKVFISFDFAYWSNGDTARITSIMQTYADHPGQFQYNGAALVSTFVGDSFDWGPVKRAVDHPIF
AVPNLQDPNWAGHATTSIDGAFSWYAWPTDGGNSIIKGPMTTIWDDRFRNNLKDKVYMAPVSPWFSTHFNTKNWVFICED
LPHLRWQQMLEMQPELIEIISWNDYGESHYIGPYSEAHSDDGSAQWTKDFPHDAWRIIAKPYIAAYKAGEREPTVESDQL
VYWYRPTPKAVTCSKDPLGPPNGINLLEDSVFVTTLLTEPATLTVGSGSLEFSVDVDAGIVTNSFPMGVGSQAFSVTRDG
EEILGGDGGLDVQDRCDYYNFNVYVGSFSA
;
_entity_poly.pdbx_strand_id   A,B
#
loop_
_chem_comp.id
_chem_comp.type
_chem_comp.name
_chem_comp.formula
BTB non-polymer 2-[BIS-(2-HYDROXY-ETHYL)-AMINO]-2-HYDROXYMETHYL-PROPANE-1,3-DIOL 'C8 H19 N O5'
NA non-polymer 'SODIUM ION' 'Na 1'
SO4 non-polymer 'SULFATE ION' 'O4 S -2'
#
# COMPACT_ATOMS: atom_id res chain seq x y z
N ARG A 31 2.90 -29.22 -30.96
CA ARG A 31 2.86 -28.58 -29.65
C ARG A 31 1.47 -28.58 -29.04
N LYS A 32 1.42 -28.93 -27.76
CA LYS A 32 0.18 -28.88 -26.99
C LYS A 32 -0.25 -27.43 -26.76
N ASP A 33 -1.56 -27.22 -26.75
CA ASP A 33 -2.12 -25.90 -26.44
C ASP A 33 -1.79 -25.53 -25.00
N SER A 34 -1.57 -24.22 -24.77
CA SER A 34 -1.26 -23.70 -23.44
C SER A 34 -2.25 -22.63 -23.04
N ASN A 35 -2.46 -22.50 -21.73
CA ASN A 35 -3.29 -21.43 -21.18
C ASN A 35 -2.51 -20.47 -20.28
N LYS A 36 -1.18 -20.49 -20.31
N LYS A 36 -1.18 -20.49 -20.31
CA LYS A 36 -0.35 -19.52 -19.61
CA LYS A 36 -0.37 -19.51 -19.61
C LYS A 36 0.15 -18.49 -20.61
C LYS A 36 0.16 -18.49 -20.61
N TYR A 37 0.26 -17.23 -20.18
CA TYR A 37 0.59 -16.12 -21.07
C TYR A 37 1.49 -15.11 -20.38
N VAL A 38 2.31 -14.43 -21.18
CA VAL A 38 3.25 -13.43 -20.72
C VAL A 38 2.90 -12.10 -21.37
N THR A 39 2.82 -11.04 -20.57
CA THR A 39 2.51 -9.70 -21.04
C THR A 39 3.64 -8.75 -20.64
N ALA A 40 3.60 -7.53 -21.18
CA ALA A 40 4.62 -6.54 -20.83
C ALA A 40 3.99 -5.15 -20.70
N HIS A 41 4.42 -4.42 -19.67
CA HIS A 41 3.87 -3.10 -19.34
C HIS A 41 4.40 -2.05 -20.31
N PHE A 42 3.48 -1.36 -21.00
CA PHE A 42 3.83 -0.35 -22.00
C PHE A 42 3.30 1.01 -21.57
N MET A 43 4.18 2.01 -21.56
CA MET A 43 3.87 3.37 -21.13
C MET A 43 3.26 4.16 -22.29
N VAL A 44 1.92 4.23 -22.36
CA VAL A 44 1.27 5.04 -23.39
C VAL A 44 1.54 6.52 -23.15
N GLY A 45 1.78 6.92 -21.90
CA GLY A 45 1.98 8.33 -21.59
C GLY A 45 3.17 8.94 -22.28
N ILE A 46 4.15 8.14 -22.70
CA ILE A 46 5.36 8.68 -23.33
C ILE A 46 5.33 8.55 -24.86
N VAL A 47 4.19 8.16 -25.46
CA VAL A 47 4.17 7.94 -26.91
C VAL A 47 3.15 8.82 -27.64
N GLU A 48 3.01 10.08 -27.21
CA GLU A 48 2.08 10.97 -27.92
C GLU A 48 2.32 10.99 -29.43
N ASN A 49 3.58 10.89 -29.86
CA ASN A 49 3.93 11.05 -31.26
C ASN A 49 4.07 9.71 -32.00
N TYR A 50 3.72 8.59 -31.37
CA TYR A 50 3.80 7.31 -32.04
C TYR A 50 2.85 7.27 -33.22
N THR A 51 3.27 6.54 -34.25
CA THR A 51 2.45 6.16 -35.38
C THR A 51 2.12 4.67 -35.27
N VAL A 52 1.21 4.22 -36.13
CA VAL A 52 0.92 2.79 -36.20
C VAL A 52 2.19 1.99 -36.48
N ASP A 53 3.08 2.54 -37.32
N ASP A 53 3.07 2.53 -37.34
CA ASP A 53 4.31 1.83 -37.64
CA ASP A 53 4.31 1.83 -37.64
C ASP A 53 5.21 1.71 -36.42
C ASP A 53 5.20 1.71 -36.41
N ASP A 54 5.27 2.74 -35.58
CA ASP A 54 6.05 2.67 -34.35
C ASP A 54 5.54 1.55 -33.45
N TRP A 55 4.21 1.45 -33.29
CA TRP A 55 3.63 0.37 -32.49
C TRP A 55 4.00 -0.99 -33.07
N LYS A 56 3.89 -1.14 -34.40
CA LYS A 56 4.19 -2.41 -35.03
C LYS A 56 5.62 -2.84 -34.75
N HIS A 57 6.57 -1.89 -34.75
CA HIS A 57 7.97 -2.24 -34.51
C HIS A 57 8.18 -2.81 -33.10
N ASP A 58 7.61 -2.15 -32.08
CA ASP A 58 7.67 -2.71 -30.73
C ASP A 58 7.03 -4.08 -30.67
N MET A 59 5.87 -4.23 -31.34
CA MET A 59 5.15 -5.50 -31.28
C MET A 59 5.93 -6.64 -31.92
N GLU A 60 6.62 -6.39 -33.04
CA GLU A 60 7.41 -7.45 -33.64
C GLU A 60 8.52 -7.91 -32.71
N LEU A 61 9.20 -6.97 -32.05
CA LEU A 61 10.25 -7.35 -31.10
C LEU A 61 9.67 -8.15 -29.93
N ALA A 62 8.50 -7.75 -29.44
CA ALA A 62 7.85 -8.50 -28.37
C ALA A 62 7.47 -9.90 -28.83
N LYS A 63 6.89 -10.01 -30.03
CA LYS A 63 6.55 -11.33 -30.58
C LYS A 63 7.77 -12.23 -30.65
N GLU A 64 8.92 -11.68 -31.09
CA GLU A 64 10.13 -12.49 -31.23
C GLU A 64 10.62 -13.00 -29.89
N THR A 65 10.29 -12.30 -28.80
CA THR A 65 10.63 -12.73 -27.46
C THR A 65 9.66 -13.78 -26.92
N GLY A 66 8.49 -13.93 -27.53
CA GLY A 66 7.47 -14.82 -27.04
C GLY A 66 6.43 -14.14 -26.18
N ILE A 67 6.50 -12.82 -26.05
CA ILE A 67 5.49 -12.09 -25.29
C ILE A 67 4.17 -12.10 -26.07
N ASP A 68 3.06 -12.27 -25.33
CA ASP A 68 1.74 -12.40 -25.94
C ASP A 68 0.98 -11.08 -26.10
N ALA A 69 1.23 -10.11 -25.21
CA ALA A 69 0.42 -8.89 -25.24
C ALA A 69 1.16 -7.76 -24.52
N PHE A 70 0.80 -6.52 -24.90
CA PHE A 70 1.18 -5.34 -24.12
C PHE A 70 0.02 -4.93 -23.23
N ALA A 71 0.30 -4.63 -21.97
CA ALA A 71 -0.61 -3.87 -21.11
C ALA A 71 -0.42 -2.40 -21.46
N LEU A 72 -1.46 -1.78 -22.03
CA LEU A 72 -1.38 -0.39 -22.50
C LEU A 72 -1.70 0.52 -21.32
N ASN A 73 -0.66 0.94 -20.60
CA ASN A 73 -0.84 1.75 -19.41
C ASN A 73 -1.10 3.20 -19.81
N CYS A 74 -2.29 3.71 -19.49
CA CYS A 74 -2.73 4.99 -20.02
C CYS A 74 -3.39 5.82 -18.94
N ALA A 75 -3.48 7.13 -19.20
CA ALA A 75 -3.98 8.12 -18.26
C ALA A 75 -5.16 8.89 -18.84
N SER A 76 -6.13 9.21 -17.98
CA SER A 76 -7.27 10.02 -18.40
C SER A 76 -6.85 11.41 -18.84
N ILE A 77 -5.76 11.94 -18.27
CA ILE A 77 -5.36 13.33 -18.50
C ILE A 77 -4.59 13.55 -19.80
N ASP A 78 -4.14 12.51 -20.47
CA ASP A 78 -3.40 12.69 -21.71
C ASP A 78 -4.38 12.86 -22.88
N SER A 79 -4.26 13.97 -23.61
CA SER A 79 -5.19 14.24 -24.71
C SER A 79 -5.08 13.21 -25.82
N TYR A 80 -3.96 12.49 -25.89
CA TYR A 80 -3.68 11.54 -26.94
C TYR A 80 -4.01 10.10 -26.57
N THR A 81 -4.61 9.88 -25.39
CA THR A 81 -4.88 8.50 -24.97
C THR A 81 -5.76 7.76 -25.97
N ASP A 82 -6.88 8.37 -26.38
CA ASP A 82 -7.79 7.67 -27.29
C ASP A 82 -7.12 7.41 -28.63
N LYS A 83 -6.37 8.40 -29.14
CA LYS A 83 -5.64 8.24 -30.39
C LYS A 83 -4.68 7.07 -30.33
N GLN A 84 -3.88 7.00 -29.26
CA GLN A 84 -2.84 5.98 -29.20
C GLN A 84 -3.40 4.61 -28.87
N LEU A 85 -4.47 4.53 -28.06
CA LEU A 85 -5.16 3.24 -27.91
C LEU A 85 -5.64 2.74 -29.26
N ALA A 86 -6.22 3.63 -30.08
CA ALA A 86 -6.71 3.20 -31.39
C ALA A 86 -5.56 2.70 -32.26
N TYR A 87 -4.43 3.41 -32.28
CA TYR A 87 -3.28 2.95 -33.05
C TYR A 87 -2.78 1.60 -32.56
N ALA A 88 -2.71 1.41 -31.23
CA ALA A 88 -2.18 0.16 -30.71
C ALA A 88 -3.08 -1.03 -31.06
N TYR A 89 -4.40 -0.87 -30.92
CA TYR A 89 -5.29 -1.97 -31.26
C TYR A 89 -5.25 -2.27 -32.76
N GLU A 90 -5.16 -1.24 -33.58
CA GLU A 90 -5.01 -1.45 -35.02
C GLU A 90 -3.72 -2.19 -35.33
N ALA A 91 -2.61 -1.71 -34.77
CA ALA A 91 -1.32 -2.38 -34.99
C ALA A 91 -1.37 -3.84 -34.56
N ALA A 92 -1.94 -4.11 -33.38
CA ALA A 92 -2.00 -5.48 -32.88
C ALA A 92 -2.79 -6.37 -33.82
N GLU A 93 -3.94 -5.90 -34.30
CA GLU A 93 -4.70 -6.72 -35.24
C GLU A 93 -3.93 -6.92 -36.54
N GLU A 94 -3.15 -5.93 -36.98
N GLU A 94 -3.14 -5.93 -36.95
CA GLU A 94 -2.45 -6.05 -38.26
CA GLU A 94 -2.42 -5.98 -38.22
C GLU A 94 -1.24 -6.98 -38.21
C GLU A 94 -1.26 -6.98 -38.19
N VAL A 95 -0.61 -7.15 -37.04
CA VAL A 95 0.59 -7.98 -36.95
C VAL A 95 0.41 -9.21 -36.06
N ASP A 96 -0.83 -9.61 -35.77
CA ASP A 96 -1.09 -10.85 -35.03
C ASP A 96 -0.51 -10.79 -33.61
N PHE A 97 -0.67 -9.65 -32.95
CA PHE A 97 -0.31 -9.45 -31.55
C PHE A 97 -1.60 -9.12 -30.79
N LYS A 98 -1.48 -8.94 -29.47
CA LYS A 98 -2.67 -8.66 -28.65
C LYS A 98 -2.32 -7.54 -27.67
N VAL A 99 -3.34 -6.79 -27.26
CA VAL A 99 -3.18 -5.71 -26.29
C VAL A 99 -4.36 -5.71 -25.33
N PHE A 100 -4.13 -5.15 -24.15
CA PHE A 100 -5.21 -4.91 -23.20
C PHE A 100 -4.88 -3.64 -22.44
N ILE A 101 -5.89 -3.04 -21.81
CA ILE A 101 -5.70 -1.74 -21.17
C ILE A 101 -5.30 -1.89 -19.71
N SER A 102 -4.28 -1.12 -19.31
CA SER A 102 -3.96 -0.88 -17.90
C SER A 102 -4.40 0.54 -17.59
N PHE A 103 -5.50 0.68 -16.83
CA PHE A 103 -5.92 2.00 -16.41
C PHE A 103 -5.03 2.48 -15.27
N ASP A 104 -4.27 3.55 -15.51
CA ASP A 104 -3.31 4.06 -14.53
C ASP A 104 -4.05 4.97 -13.57
N PHE A 105 -4.36 4.46 -12.36
CA PHE A 105 -5.12 5.22 -11.38
C PHE A 105 -4.26 6.21 -10.59
N ALA A 106 -3.00 6.42 -10.98
CA ALA A 106 -2.37 7.68 -10.61
C ALA A 106 -3.02 8.86 -11.31
N TYR A 107 -3.85 8.61 -12.33
CA TYR A 107 -4.50 9.65 -13.14
C TYR A 107 -5.99 9.41 -13.31
N TRP A 108 -6.37 8.22 -13.77
CA TRP A 108 -7.79 7.84 -13.71
C TRP A 108 -8.24 7.89 -12.26
N SER A 109 -9.54 8.12 -12.06
CA SER A 109 -10.09 8.25 -10.72
C SER A 109 -11.40 7.48 -10.60
N ASN A 110 -11.87 7.36 -9.36
CA ASN A 110 -13.12 6.66 -9.09
C ASN A 110 -14.34 7.39 -9.64
N GLY A 111 -14.18 8.61 -10.13
CA GLY A 111 -15.27 9.29 -10.79
C GLY A 111 -15.38 8.99 -12.27
N ASP A 112 -14.55 8.10 -12.81
CA ASP A 112 -14.45 7.90 -14.25
C ASP A 112 -15.15 6.63 -14.76
N THR A 113 -16.12 6.08 -14.02
CA THR A 113 -16.79 4.85 -14.46
C THR A 113 -17.36 4.98 -15.88
N ALA A 114 -17.99 6.12 -16.20
CA ALA A 114 -18.63 6.25 -17.50
C ALA A 114 -17.62 6.16 -18.63
N ARG A 115 -16.48 6.85 -18.51
CA ARG A 115 -15.51 6.81 -19.59
C ARG A 115 -14.80 5.47 -19.68
N ILE A 116 -14.46 4.89 -18.52
CA ILE A 116 -13.87 3.54 -18.51
C ILE A 116 -14.82 2.55 -19.18
N THR A 117 -16.12 2.65 -18.86
CA THR A 117 -17.11 1.78 -19.49
C THR A 117 -17.13 1.97 -21.00
N SER A 118 -17.12 3.22 -21.47
N SER A 118 -17.12 3.22 -21.46
CA SER A 118 -17.19 3.44 -22.93
CA SER A 118 -17.16 3.50 -22.89
C SER A 118 -15.95 2.92 -23.63
C SER A 118 -15.95 2.90 -23.61
N ILE A 119 -14.78 3.02 -23.00
CA ILE A 119 -13.55 2.48 -23.60
C ILE A 119 -13.64 0.96 -23.69
N MET A 120 -14.14 0.31 -22.65
CA MET A 120 -14.29 -1.14 -22.68
C MET A 120 -15.37 -1.57 -23.68
N GLN A 121 -16.41 -0.75 -23.87
N GLN A 121 -16.41 -0.75 -23.87
CA GLN A 121 -17.39 -1.05 -24.91
CA GLN A 121 -17.39 -1.06 -24.91
C GLN A 121 -16.73 -1.07 -26.29
C GLN A 121 -16.75 -1.04 -26.30
N THR A 122 -15.80 -0.13 -26.52
CA THR A 122 -15.09 -0.10 -27.79
C THR A 122 -14.20 -1.34 -27.97
N TYR A 123 -13.46 -1.73 -26.94
CA TYR A 123 -12.35 -2.65 -27.15
C TYR A 123 -12.52 -4.07 -26.63
N ALA A 124 -13.50 -4.35 -25.75
CA ALA A 124 -13.58 -5.69 -25.16
C ALA A 124 -13.72 -6.79 -26.21
N ASP A 125 -14.44 -6.51 -27.31
CA ASP A 125 -14.64 -7.49 -28.38
C ASP A 125 -13.80 -7.20 -29.63
N HIS A 126 -12.80 -6.34 -29.53
CA HIS A 126 -11.93 -6.08 -30.67
C HIS A 126 -11.07 -7.30 -30.91
N PRO A 127 -10.82 -7.68 -32.17
CA PRO A 127 -10.03 -8.89 -32.42
C PRO A 127 -8.58 -8.79 -31.95
N GLY A 128 -8.05 -7.58 -31.73
CA GLY A 128 -6.74 -7.37 -31.15
C GLY A 128 -6.69 -7.35 -29.63
N GLN A 129 -7.84 -7.46 -28.97
CA GLN A 129 -7.90 -7.44 -27.52
C GLN A 129 -7.51 -8.79 -26.95
N PHE A 130 -6.57 -8.79 -26.00
CA PHE A 130 -6.14 -10.03 -25.36
C PHE A 130 -7.28 -10.67 -24.57
N GLN A 131 -7.52 -11.96 -24.82
CA GLN A 131 -8.60 -12.70 -24.20
C GLN A 131 -8.02 -13.75 -23.26
N TYR A 132 -8.64 -13.90 -22.09
CA TYR A 132 -8.28 -14.93 -21.13
C TYR A 132 -9.57 -15.66 -20.76
N ASN A 133 -9.62 -16.96 -21.09
CA ASN A 133 -10.80 -17.77 -20.85
C ASN A 133 -12.06 -17.14 -21.46
N GLY A 134 -11.93 -16.61 -22.67
CA GLY A 134 -13.06 -16.04 -23.38
C GLY A 134 -13.47 -14.65 -22.95
N ALA A 135 -12.70 -14.00 -22.10
CA ALA A 135 -13.06 -12.68 -21.58
C ALA A 135 -11.91 -11.70 -21.82
N ALA A 136 -12.27 -10.44 -22.01
CA ALA A 136 -11.26 -9.41 -22.28
C ALA A 136 -10.52 -9.07 -21.00
N LEU A 137 -9.20 -9.26 -20.98
CA LEU A 137 -8.42 -8.88 -19.81
C LEU A 137 -8.40 -7.36 -19.66
N VAL A 138 -8.56 -6.89 -18.43
CA VAL A 138 -8.35 -5.48 -18.11
C VAL A 138 -7.58 -5.42 -16.80
N SER A 139 -6.73 -4.40 -16.66
CA SER A 139 -5.88 -4.27 -15.49
C SER A 139 -5.74 -2.79 -15.13
N THR A 140 -4.90 -2.54 -14.11
CA THR A 140 -4.69 -1.19 -13.61
C THR A 140 -3.25 -1.06 -13.13
N PHE A 141 -2.85 0.19 -12.91
CA PHE A 141 -1.84 0.51 -11.91
C PHE A 141 -2.60 1.19 -10.77
N VAL A 142 -2.37 0.72 -9.54
CA VAL A 142 -3.17 1.08 -8.36
C VAL A 142 -4.67 1.02 -8.67
N GLY A 143 -5.49 1.87 -8.05
CA GLY A 143 -6.92 1.78 -8.27
C GLY A 143 -7.59 0.63 -7.56
N ASP A 144 -7.05 0.22 -6.41
CA ASP A 144 -7.61 -0.90 -5.65
C ASP A 144 -9.08 -0.71 -5.32
N SER A 145 -9.52 0.54 -5.17
CA SER A 145 -10.89 0.85 -4.74
C SER A 145 -11.88 0.96 -5.89
N PHE A 146 -11.44 0.85 -7.15
CA PHE A 146 -12.36 0.98 -8.27
C PHE A 146 -13.19 -0.29 -8.50
N ASP A 147 -14.50 -0.13 -8.55
CA ASP A 147 -15.44 -1.25 -8.67
C ASP A 147 -15.63 -1.60 -10.14
N TRP A 148 -15.29 -2.84 -10.51
CA TRP A 148 -15.48 -3.34 -11.87
C TRP A 148 -16.90 -3.80 -12.15
N GLY A 149 -17.73 -3.97 -11.12
CA GLY A 149 -19.09 -4.42 -11.32
C GLY A 149 -19.89 -3.61 -12.32
N PRO A 150 -19.94 -2.29 -12.15
CA PRO A 150 -20.74 -1.48 -13.08
C PRO A 150 -20.21 -1.51 -14.50
N VAL A 151 -18.88 -1.68 -14.67
CA VAL A 151 -18.31 -1.80 -16.01
C VAL A 151 -18.74 -3.13 -16.65
N LYS A 152 -18.52 -4.24 -15.94
CA LYS A 152 -18.87 -5.55 -16.45
C LYS A 152 -20.34 -5.64 -16.83
N ARG A 153 -21.22 -5.09 -15.98
CA ARG A 153 -22.65 -5.22 -16.22
C ARG A 153 -23.15 -4.33 -17.35
N ALA A 154 -22.35 -3.39 -17.83
CA ALA A 154 -22.71 -2.53 -18.94
C ALA A 154 -22.13 -2.99 -20.28
N VAL A 155 -21.18 -3.92 -20.28
CA VAL A 155 -20.50 -4.36 -21.49
C VAL A 155 -20.92 -5.79 -21.78
N ASP A 156 -21.47 -6.03 -22.99
CA ASP A 156 -21.97 -7.36 -23.31
C ASP A 156 -20.85 -8.41 -23.32
N HIS A 157 -19.72 -8.08 -23.92
CA HIS A 157 -18.63 -9.04 -23.99
C HIS A 157 -18.03 -9.26 -22.60
N PRO A 158 -17.73 -10.51 -22.23
CA PRO A 158 -17.15 -10.76 -20.91
C PRO A 158 -15.83 -10.03 -20.71
N ILE A 159 -15.59 -9.62 -19.46
CA ILE A 159 -14.38 -8.91 -19.05
C ILE A 159 -13.77 -9.66 -17.88
N PHE A 160 -12.44 -9.77 -17.88
CA PHE A 160 -11.69 -10.47 -16.85
C PHE A 160 -10.80 -9.43 -16.17
N ALA A 161 -11.18 -9.03 -14.96
CA ALA A 161 -10.53 -7.90 -14.29
C ALA A 161 -9.43 -8.36 -13.34
N VAL A 162 -8.20 -7.95 -13.63
CA VAL A 162 -7.03 -8.30 -12.83
C VAL A 162 -6.30 -7.01 -12.47
N PRO A 163 -6.83 -6.22 -11.54
CA PRO A 163 -6.19 -4.96 -11.17
C PRO A 163 -4.90 -5.18 -10.38
N ASN A 164 -4.05 -4.16 -10.41
CA ASN A 164 -2.90 -4.09 -9.50
C ASN A 164 -3.41 -3.81 -8.09
N LEU A 165 -3.17 -4.74 -7.17
CA LEU A 165 -3.54 -4.59 -5.77
C LEU A 165 -2.31 -4.52 -4.89
N GLN A 166 -2.35 -3.65 -3.88
CA GLN A 166 -1.19 -3.41 -2.99
C GLN A 166 -1.15 -4.38 -1.79
N ASP A 167 -2.31 -4.85 -1.35
CA ASP A 167 -2.37 -5.68 -0.13
C ASP A 167 -2.84 -7.09 -0.50
N PRO A 168 -2.02 -8.13 -0.27
CA PRO A 168 -2.44 -9.52 -0.52
C PRO A 168 -3.74 -9.85 0.22
N ASN A 169 -3.90 -9.36 1.45
CA ASN A 169 -5.16 -9.56 2.21
C ASN A 169 -6.37 -9.01 1.43
N TRP A 170 -6.31 -7.83 0.83
CA TRP A 170 -7.43 -7.27 0.00
C TRP A 170 -7.71 -8.16 -1.19
N ALA A 171 -6.68 -8.65 -1.84
CA ALA A 171 -6.91 -9.54 -2.96
C ALA A 171 -7.78 -10.72 -2.55
N GLY A 172 -7.77 -11.08 -1.26
CA GLY A 172 -8.54 -12.20 -0.75
C GLY A 172 -9.94 -11.87 -0.29
N HIS A 173 -10.35 -10.61 -0.20
N HIS A 173 -10.25 -10.57 -0.22
CA HIS A 173 -11.78 -10.34 0.01
CA HIS A 173 -11.50 -10.06 0.33
C HIS A 173 -12.15 -8.97 -0.52
C HIS A 173 -12.06 -8.87 -0.46
N ALA A 174 -11.64 -8.64 -1.70
CA ALA A 174 -12.00 -7.41 -2.39
C ALA A 174 -13.50 -7.39 -2.71
N THR A 175 -14.07 -6.18 -2.70
CA THR A 175 -15.49 -5.97 -2.95
C THR A 175 -15.77 -5.42 -4.35
N THR A 176 -14.78 -5.47 -5.24
CA THR A 176 -14.79 -4.74 -6.51
C THR A 176 -15.01 -5.64 -7.72
N SER A 177 -15.49 -6.87 -7.52
CA SER A 177 -15.80 -7.79 -8.63
C SER A 177 -14.59 -8.11 -9.50
N ILE A 178 -13.50 -8.51 -8.85
N ILE A 178 -13.59 -8.69 -8.84
CA ILE A 178 -12.25 -8.84 -9.53
CA ILE A 178 -12.25 -8.93 -9.35
C ILE A 178 -12.20 -10.34 -9.81
C ILE A 178 -12.11 -10.41 -9.72
N ASP A 179 -11.38 -10.69 -10.80
CA ASP A 179 -11.13 -12.08 -11.18
C ASP A 179 -9.73 -12.57 -10.82
N GLY A 180 -8.89 -11.67 -10.33
CA GLY A 180 -7.52 -12.00 -9.98
C GLY A 180 -6.83 -10.74 -9.53
N ALA A 181 -5.56 -10.87 -9.19
CA ALA A 181 -4.78 -9.69 -8.82
C ALA A 181 -3.41 -9.73 -9.47
N PHE A 182 -2.92 -8.51 -9.77
CA PHE A 182 -1.59 -8.27 -10.34
C PHE A 182 -0.75 -7.58 -9.26
N SER A 183 0.39 -8.17 -8.94
CA SER A 183 1.30 -7.57 -7.97
C SER A 183 2.38 -6.73 -8.65
N TRP A 184 2.71 -5.59 -8.01
CA TRP A 184 3.82 -4.73 -8.44
C TRP A 184 5.09 -4.99 -7.61
N TYR A 185 5.12 -6.06 -6.80
CA TYR A 185 6.27 -6.35 -5.94
C TYR A 185 7.30 -7.15 -6.74
N ALA A 186 7.97 -6.46 -7.67
CA ALA A 186 8.93 -7.09 -8.56
C ALA A 186 10.34 -7.11 -8.00
N TRP A 187 10.60 -6.43 -6.90
CA TRP A 187 11.95 -6.23 -6.37
C TRP A 187 11.98 -6.56 -4.89
N PRO A 188 13.18 -6.70 -4.30
CA PRO A 188 13.25 -7.00 -2.87
C PRO A 188 12.72 -5.83 -2.03
N THR A 189 11.77 -6.14 -1.14
CA THR A 189 11.18 -5.17 -0.22
C THR A 189 10.57 -5.89 0.97
N ASP A 190 10.53 -5.20 2.12
CA ASP A 190 9.97 -5.75 3.35
C ASP A 190 8.76 -4.96 3.85
N GLY A 191 8.04 -4.29 2.97
CA GLY A 191 6.89 -3.51 3.37
C GLY A 191 7.18 -2.06 3.75
N GLY A 192 8.42 -1.74 4.09
CA GLY A 192 8.77 -0.45 4.65
C GLY A 192 9.29 0.52 3.61
N ASN A 193 9.91 1.59 4.08
CA ASN A 193 10.50 2.58 3.20
C ASN A 193 12.02 2.64 3.35
N SER A 194 12.62 1.53 3.76
N SER A 194 12.63 1.53 3.74
CA SER A 194 14.06 1.34 3.64
CA SER A 194 14.07 1.37 3.63
C SER A 194 14.32 0.45 2.43
C SER A 194 14.35 0.42 2.47
N ILE A 195 15.47 0.66 1.79
CA ILE A 195 15.90 -0.25 0.73
C ILE A 195 16.59 -1.45 1.39
N ILE A 196 16.17 -2.67 1.02
CA ILE A 196 16.74 -3.88 1.59
C ILE A 196 17.57 -4.62 0.56
N LYS A 197 18.54 -5.40 1.05
CA LYS A 197 19.37 -6.22 0.18
C LYS A 197 18.54 -7.34 -0.46
N GLY A 198 19.06 -7.86 -1.56
CA GLY A 198 18.55 -9.07 -2.14
C GLY A 198 19.22 -10.28 -1.55
N PRO A 199 19.14 -11.44 -2.24
CA PRO A 199 18.44 -11.62 -3.51
C PRO A 199 16.92 -11.58 -3.40
N MET A 200 16.27 -11.37 -4.53
CA MET A 200 14.81 -11.41 -4.57
C MET A 200 14.31 -12.77 -4.11
N THR A 201 13.20 -12.76 -3.36
CA THR A 201 12.50 -13.97 -2.95
C THR A 201 11.06 -13.91 -3.43
N THR A 202 10.35 -15.02 -3.25
CA THR A 202 8.94 -15.11 -3.62
C THR A 202 7.99 -14.81 -2.46
N ILE A 203 8.47 -14.16 -1.40
CA ILE A 203 7.64 -13.99 -0.20
C ILE A 203 6.32 -13.29 -0.51
N TRP A 204 6.35 -12.22 -1.31
CA TRP A 204 5.12 -11.50 -1.63
C TRP A 204 4.25 -12.30 -2.60
N ASP A 205 4.87 -12.98 -3.57
CA ASP A 205 4.10 -13.80 -4.51
C ASP A 205 3.30 -14.84 -3.74
N ASP A 206 3.92 -15.45 -2.74
CA ASP A 206 3.29 -16.53 -2.00
C ASP A 206 2.17 -15.99 -1.12
N ARG A 207 2.28 -14.75 -0.62
CA ARG A 207 1.17 -14.13 0.09
C ARG A 207 -0.02 -13.89 -0.84
N PHE A 208 0.22 -13.35 -2.04
CA PHE A 208 -0.88 -13.17 -2.98
C PHE A 208 -1.53 -14.50 -3.32
N ARG A 209 -0.72 -15.52 -3.60
CA ARG A 209 -1.27 -16.80 -4.01
C ARG A 209 -2.12 -17.43 -2.92
N ASN A 210 -1.70 -17.30 -1.66
CA ASN A 210 -2.49 -17.82 -0.54
C ASN A 210 -3.87 -17.15 -0.47
N ASN A 211 -3.92 -15.84 -0.70
CA ASN A 211 -5.18 -15.10 -0.59
C ASN A 211 -6.06 -15.28 -1.81
N LEU A 212 -5.48 -15.56 -2.97
CA LEU A 212 -6.26 -15.56 -4.21
C LEU A 212 -7.15 -16.78 -4.33
N LYS A 213 -6.73 -17.91 -3.74
CA LYS A 213 -7.52 -19.15 -3.75
C LYS A 213 -7.69 -19.56 -5.21
N ASP A 214 -8.92 -19.64 -5.73
N ASP A 214 -8.92 -19.62 -5.74
CA ASP A 214 -9.13 -20.07 -7.12
CA ASP A 214 -9.16 -20.07 -7.10
C ASP A 214 -8.84 -18.98 -8.13
C ASP A 214 -8.99 -18.96 -8.14
N LYS A 215 -8.93 -17.71 -7.72
CA LYS A 215 -8.73 -16.60 -8.64
C LYS A 215 -7.29 -16.59 -9.16
N VAL A 216 -7.06 -15.82 -10.19
CA VAL A 216 -5.76 -15.87 -10.87
C VAL A 216 -4.79 -14.83 -10.30
N TYR A 217 -3.51 -15.18 -10.40
CA TYR A 217 -2.41 -14.31 -9.99
C TYR A 217 -1.59 -13.95 -11.23
N MET A 218 -1.37 -12.64 -11.44
CA MET A 218 -0.47 -12.19 -12.50
C MET A 218 0.80 -11.69 -11.79
N ALA A 219 1.89 -12.44 -11.95
CA ALA A 219 3.14 -12.18 -11.26
C ALA A 219 4.00 -11.15 -12.03
N PRO A 220 4.68 -10.26 -11.32
CA PRO A 220 5.55 -9.28 -11.98
C PRO A 220 6.95 -9.84 -12.21
N VAL A 221 7.51 -9.51 -13.38
CA VAL A 221 8.90 -9.84 -13.69
C VAL A 221 9.60 -8.56 -14.13
N SER A 222 10.61 -8.14 -13.37
CA SER A 222 11.38 -6.95 -13.73
C SER A 222 12.88 -7.25 -13.67
N PRO A 223 13.69 -6.69 -14.58
CA PRO A 223 15.13 -6.97 -14.52
C PRO A 223 15.93 -6.10 -13.57
N TRP A 224 15.47 -4.88 -13.29
CA TRP A 224 16.34 -3.87 -12.67
C TRP A 224 15.46 -2.77 -12.11
N PHE A 225 16.08 -1.86 -11.34
CA PHE A 225 15.38 -0.66 -10.89
C PHE A 225 16.40 0.42 -10.57
N SER A 226 16.27 1.58 -11.22
CA SER A 226 17.07 2.75 -10.87
C SER A 226 16.32 3.97 -11.39
N THR A 227 16.04 4.92 -10.51
CA THR A 227 15.37 6.15 -10.91
C THR A 227 16.08 7.34 -10.28
N HIS A 228 16.08 8.49 -10.98
CA HIS A 228 16.97 9.59 -10.57
C HIS A 228 16.35 10.93 -10.96
N PHE A 229 15.24 11.25 -10.30
CA PHE A 229 14.51 12.50 -10.53
C PHE A 229 14.42 13.27 -9.23
N ASN A 230 14.05 14.56 -9.33
CA ASN A 230 13.83 15.36 -8.14
C ASN A 230 12.76 14.77 -7.23
N THR A 231 11.82 13.98 -7.77
CA THR A 231 10.71 13.41 -7.02
C THR A 231 10.89 11.95 -6.63
N LYS A 232 11.88 11.25 -7.20
CA LYS A 232 12.10 9.85 -6.87
C LYS A 232 13.55 9.52 -7.23
N ASN A 233 14.32 9.07 -6.24
CA ASN A 233 15.77 8.93 -6.41
C ASN A 233 16.24 7.75 -5.54
N TRP A 234 16.06 6.54 -6.06
CA TRP A 234 16.51 5.34 -5.35
C TRP A 234 16.75 4.20 -6.33
N VAL A 235 17.42 3.17 -5.83
CA VAL A 235 17.55 1.88 -6.49
C VAL A 235 16.88 0.81 -5.63
N PHE A 236 16.52 -0.31 -6.28
CA PHE A 236 16.30 -1.55 -5.56
C PHE A 236 17.47 -2.49 -5.88
N ILE A 237 17.68 -3.50 -5.02
CA ILE A 237 18.88 -4.32 -5.09
C ILE A 237 18.56 -5.57 -5.92
N CYS A 238 18.90 -5.50 -7.21
CA CYS A 238 18.44 -6.44 -8.23
C CYS A 238 19.53 -7.45 -8.62
N GLU A 239 20.62 -6.95 -9.22
CA GLU A 239 21.83 -7.74 -9.38
C GLU A 239 21.67 -8.88 -10.38
N ASP A 240 21.41 -10.11 -9.92
CA ASP A 240 21.17 -11.25 -10.80
C ASP A 240 19.71 -11.36 -11.24
N LEU A 241 18.86 -10.43 -10.79
CA LEU A 241 17.43 -10.47 -11.06
C LEU A 241 17.04 -10.69 -12.52
N PRO A 242 17.74 -10.13 -13.54
CA PRO A 242 17.34 -10.38 -14.93
C PRO A 242 17.24 -11.86 -15.32
N HIS A 243 17.97 -12.71 -14.61
CA HIS A 243 17.87 -14.15 -14.77
C HIS A 243 17.10 -14.81 -13.64
N LEU A 244 17.42 -14.47 -12.39
CA LEU A 244 16.85 -15.18 -11.24
C LEU A 244 15.33 -15.14 -11.25
N ARG A 245 14.75 -14.00 -11.62
CA ARG A 245 13.29 -13.92 -11.53
C ARG A 245 12.62 -14.91 -12.47
N TRP A 246 13.20 -15.15 -13.64
CA TRP A 246 12.60 -16.11 -14.57
C TRP A 246 12.65 -17.53 -14.02
N GLN A 247 13.72 -17.86 -13.29
CA GLN A 247 13.78 -19.16 -12.62
C GLN A 247 12.66 -19.29 -11.59
N GLN A 248 12.39 -18.20 -10.86
CA GLN A 248 11.27 -18.23 -9.91
C GLN A 248 9.94 -18.47 -10.62
N MET A 249 9.78 -17.94 -11.83
CA MET A 249 8.54 -18.16 -12.57
C MET A 249 8.34 -19.62 -12.93
N LEU A 250 9.42 -20.33 -13.32
CA LEU A 250 9.27 -21.74 -13.64
C LEU A 250 8.90 -22.57 -12.42
N GLU A 251 9.42 -22.21 -11.25
N GLU A 251 9.35 -22.13 -11.23
CA GLU A 251 9.06 -22.91 -10.01
CA GLU A 251 9.00 -22.80 -9.98
C GLU A 251 7.58 -22.66 -9.70
C GLU A 251 7.55 -22.51 -9.59
N MET A 252 7.16 -21.40 -9.77
N MET A 252 7.14 -21.23 -9.65
CA MET A 252 5.90 -20.94 -9.21
CA MET A 252 5.84 -20.83 -9.16
C MET A 252 4.72 -21.23 -10.13
C MET A 252 4.70 -21.22 -10.11
N GLN A 253 4.91 -21.10 -11.42
CA GLN A 253 3.87 -21.34 -12.42
C GLN A 253 2.61 -20.48 -12.20
N PRO A 254 2.75 -19.16 -12.09
CA PRO A 254 1.55 -18.31 -11.96
C PRO A 254 0.67 -18.41 -13.21
N GLU A 255 -0.61 -18.03 -13.06
CA GLU A 255 -1.51 -18.05 -14.21
C GLU A 255 -1.10 -17.09 -15.32
N LEU A 256 -0.54 -15.94 -14.96
CA LEU A 256 -0.14 -14.91 -15.90
C LEU A 256 1.13 -14.25 -15.39
N ILE A 257 1.87 -13.66 -16.32
CA ILE A 257 3.05 -12.84 -16.01
C ILE A 257 2.89 -11.49 -16.68
N GLU A 258 3.31 -10.43 -15.99
CA GLU A 258 3.52 -9.12 -16.64
C GLU A 258 4.95 -8.66 -16.39
N ILE A 259 5.67 -8.40 -17.48
CA ILE A 259 7.01 -7.83 -17.41
C ILE A 259 6.93 -6.33 -17.17
N ILE A 260 7.60 -5.89 -16.12
CA ILE A 260 7.76 -4.47 -15.79
C ILE A 260 9.22 -4.14 -16.13
N SER A 261 9.48 -3.52 -17.30
CA SER A 261 8.49 -3.00 -18.24
C SER A 261 9.06 -3.12 -19.65
N TRP A 262 8.22 -2.78 -20.64
CA TRP A 262 8.76 -2.64 -22.00
C TRP A 262 9.59 -1.36 -22.15
N ASN A 263 9.05 -0.21 -21.68
CA ASN A 263 9.64 1.07 -22.05
C ASN A 263 9.58 2.14 -20.96
N ASP A 264 9.57 1.78 -19.67
CA ASP A 264 9.64 2.83 -18.64
C ASP A 264 11.10 3.17 -18.38
N TYR A 265 11.63 4.06 -19.24
CA TYR A 265 13.04 4.43 -19.16
C TYR A 265 13.38 5.09 -17.83
N GLY A 266 12.44 5.85 -17.28
CA GLY A 266 12.67 6.60 -16.05
C GLY A 266 12.97 5.77 -14.83
N GLU A 267 12.58 4.49 -14.82
CA GLU A 267 12.90 3.60 -13.69
C GLU A 267 13.88 2.48 -14.07
N SER A 268 14.43 2.53 -15.29
CA SER A 268 15.51 1.66 -15.75
C SER A 268 15.12 0.19 -15.90
N HIS A 269 13.83 -0.14 -15.85
CA HIS A 269 13.40 -1.54 -15.96
C HIS A 269 12.95 -1.95 -17.35
N TYR A 270 13.16 -1.09 -18.34
CA TYR A 270 12.82 -1.41 -19.72
C TYR A 270 13.61 -2.60 -20.24
N ILE A 271 12.91 -3.51 -20.93
CA ILE A 271 13.54 -4.55 -21.74
C ILE A 271 13.34 -4.33 -23.23
N GLY A 272 12.49 -3.37 -23.62
CA GLY A 272 12.33 -3.05 -25.02
C GLY A 272 13.43 -2.15 -25.51
N PRO A 273 13.37 -1.82 -26.80
CA PRO A 273 14.35 -0.92 -27.40
C PRO A 273 14.13 0.51 -26.91
N TYR A 274 15.19 1.31 -27.04
CA TYR A 274 15.10 2.75 -26.81
C TYR A 274 14.52 3.37 -28.08
N SER A 275 13.24 3.72 -28.04
CA SER A 275 12.53 4.15 -29.23
C SER A 275 12.88 5.59 -29.61
N GLU A 276 12.95 5.86 -30.92
CA GLU A 276 13.20 7.21 -31.36
C GLU A 276 12.00 8.12 -31.19
N ALA A 277 10.78 7.57 -31.14
CA ALA A 277 9.58 8.38 -31.15
C ALA A 277 8.99 8.67 -29.78
N HIS A 278 9.52 8.09 -28.70
CA HIS A 278 8.97 8.41 -27.38
C HIS A 278 9.41 9.80 -26.93
N SER A 279 8.66 10.35 -25.97
CA SER A 279 8.94 11.66 -25.40
C SER A 279 9.86 11.53 -24.19
N ASP A 280 10.97 12.25 -24.20
CA ASP A 280 11.94 12.22 -23.10
C ASP A 280 11.40 13.01 -21.91
N ASP A 281 11.57 12.45 -20.72
CA ASP A 281 11.23 13.09 -19.45
C ASP A 281 12.43 13.51 -18.60
N GLY A 282 13.63 13.45 -19.16
CA GLY A 282 14.84 13.62 -18.38
C GLY A 282 15.58 12.33 -18.19
N SER A 283 14.93 11.19 -18.44
CA SER A 283 15.61 9.91 -18.29
C SER A 283 16.65 9.64 -19.36
N ALA A 284 16.68 10.42 -20.46
CA ALA A 284 17.71 10.18 -21.47
C ALA A 284 19.11 10.22 -20.86
N GLN A 285 19.29 11.04 -19.83
CA GLN A 285 20.59 11.17 -19.15
C GLN A 285 21.20 9.83 -18.77
N TRP A 286 20.37 8.90 -18.29
CA TRP A 286 20.88 7.60 -17.87
C TRP A 286 20.44 6.43 -18.76
N THR A 287 19.71 6.69 -19.85
CA THR A 287 19.17 5.59 -20.66
C THR A 287 19.52 5.64 -22.16
N LYS A 288 19.77 6.83 -22.71
CA LYS A 288 19.93 6.95 -24.16
C LYS A 288 21.03 6.04 -24.68
N ASP A 289 22.15 5.95 -23.96
CA ASP A 289 23.28 5.13 -24.39
C ASP A 289 23.38 3.79 -23.67
N PHE A 290 22.26 3.33 -23.09
CA PHE A 290 22.23 2.12 -22.25
C PHE A 290 21.20 1.15 -22.79
N PRO A 291 21.54 0.38 -23.84
CA PRO A 291 20.59 -0.59 -24.36
C PRO A 291 20.33 -1.69 -23.34
N HIS A 292 19.08 -2.16 -23.31
CA HIS A 292 18.68 -3.29 -22.48
C HIS A 292 18.14 -4.46 -23.31
N ASP A 293 18.23 -4.38 -24.65
CA ASP A 293 17.61 -5.38 -25.52
C ASP A 293 18.10 -6.80 -25.27
N ALA A 294 19.38 -6.96 -24.90
CA ALA A 294 19.91 -8.31 -24.72
C ALA A 294 19.27 -9.07 -23.57
N TRP A 295 18.61 -8.38 -22.63
CA TRP A 295 17.87 -9.10 -21.60
C TRP A 295 16.72 -9.92 -22.19
N ARG A 296 16.22 -9.59 -23.39
CA ARG A 296 15.21 -10.43 -24.02
C ARG A 296 15.75 -11.79 -24.47
N ILE A 297 17.07 -11.90 -24.63
CA ILE A 297 17.69 -13.19 -24.96
C ILE A 297 17.55 -14.17 -23.80
N ILE A 298 17.67 -13.67 -22.56
CA ILE A 298 17.40 -14.50 -21.39
C ILE A 298 15.91 -14.84 -21.31
N ALA A 299 15.05 -13.84 -21.53
CA ALA A 299 13.63 -14.03 -21.31
C ALA A 299 13.04 -15.07 -22.25
N LYS A 300 13.47 -15.08 -23.52
CA LYS A 300 12.84 -15.91 -24.56
C LYS A 300 12.72 -17.39 -24.19
N PRO A 301 13.80 -18.07 -23.82
CA PRO A 301 13.66 -19.50 -23.47
C PRO A 301 12.89 -19.73 -22.18
N TYR A 302 12.95 -18.78 -21.24
CA TYR A 302 12.18 -18.95 -20.01
C TYR A 302 10.68 -18.76 -20.26
N ILE A 303 10.33 -17.84 -21.16
CA ILE A 303 8.92 -17.67 -21.54
C ILE A 303 8.38 -18.96 -22.17
N ALA A 304 9.16 -19.58 -23.05
CA ALA A 304 8.71 -20.82 -23.68
C ALA A 304 8.55 -21.92 -22.64
N ALA A 305 9.51 -22.04 -21.72
CA ALA A 305 9.39 -23.08 -20.70
C ALA A 305 8.21 -22.80 -19.76
N TYR A 306 8.00 -21.54 -19.40
CA TYR A 306 6.86 -21.18 -18.56
C TYR A 306 5.54 -21.59 -19.21
N LYS A 307 5.37 -21.28 -20.50
CA LYS A 307 4.12 -21.61 -21.18
C LYS A 307 3.93 -23.12 -21.28
N ALA A 308 5.01 -23.87 -21.39
CA ALA A 308 4.96 -25.33 -21.50
C ALA A 308 4.91 -26.04 -20.15
N GLY A 309 4.99 -25.30 -19.04
CA GLY A 309 5.02 -25.93 -17.75
C GLY A 309 6.31 -26.66 -17.40
N GLU A 310 7.40 -26.35 -18.08
CA GLU A 310 8.67 -27.02 -17.83
C GLU A 310 9.44 -26.36 -16.70
N ARG A 311 10.27 -27.14 -16.01
CA ARG A 311 10.99 -26.64 -14.85
C ARG A 311 12.35 -26.06 -15.18
N GLU A 312 12.88 -26.33 -16.37
CA GLU A 312 14.13 -25.72 -16.81
C GLU A 312 13.96 -25.29 -18.27
N PRO A 313 14.70 -24.27 -18.70
CA PRO A 313 14.63 -23.83 -20.10
C PRO A 313 15.36 -24.80 -21.02
N THR A 314 15.08 -24.68 -22.31
CA THR A 314 15.80 -25.40 -23.35
C THR A 314 16.68 -24.43 -24.10
N VAL A 315 17.98 -24.71 -24.15
CA VAL A 315 18.95 -23.83 -24.81
C VAL A 315 19.06 -24.24 -26.26
N GLU A 316 18.79 -23.30 -27.17
CA GLU A 316 18.79 -23.57 -28.60
C GLU A 316 20.17 -23.43 -29.22
N SER A 317 20.96 -22.48 -28.73
CA SER A 317 22.28 -22.19 -29.26
C SER A 317 23.10 -21.53 -28.15
N ASP A 318 24.42 -21.50 -28.34
CA ASP A 318 25.31 -20.88 -27.35
C ASP A 318 25.20 -19.35 -27.44
N GLN A 319 24.88 -18.71 -26.31
CA GLN A 319 24.83 -17.25 -26.25
C GLN A 319 25.31 -16.80 -24.87
N LEU A 320 25.63 -15.51 -24.76
CA LEU A 320 26.02 -14.89 -23.50
C LEU A 320 25.39 -13.50 -23.42
N VAL A 321 24.89 -13.14 -22.24
CA VAL A 321 24.33 -11.82 -21.96
C VAL A 321 25.06 -11.27 -20.74
N TYR A 322 25.50 -10.01 -20.83
CA TYR A 322 26.23 -9.39 -19.73
C TYR A 322 25.62 -8.04 -19.38
N TRP A 323 25.81 -7.60 -18.13
CA TRP A 323 25.38 -6.27 -17.73
C TRP A 323 26.23 -5.75 -16.59
N TYR A 324 26.36 -4.43 -16.52
CA TYR A 324 27.13 -3.78 -15.46
C TYR A 324 26.84 -2.30 -15.43
N ARG A 325 27.00 -1.71 -14.24
CA ARG A 325 26.87 -0.27 -14.07
C ARG A 325 28.10 0.48 -14.62
N PRO A 326 27.98 1.81 -14.84
CA PRO A 326 29.08 2.53 -15.50
C PRO A 326 30.28 2.87 -14.62
N THR A 327 30.15 2.92 -13.29
CA THR A 327 31.31 3.19 -12.45
C THR A 327 31.18 2.37 -11.15
N PRO A 328 32.25 2.26 -10.38
CA PRO A 328 32.11 1.73 -9.02
C PRO A 328 31.17 2.60 -8.19
N LYS A 329 30.46 1.95 -7.26
CA LYS A 329 29.37 2.62 -6.56
C LYS A 329 29.83 3.79 -5.70
N ALA A 330 31.09 3.80 -5.24
CA ALA A 330 31.54 4.82 -4.29
C ALA A 330 32.04 6.11 -4.95
N VAL A 331 32.02 6.21 -6.29
CA VAL A 331 32.53 7.40 -6.95
C VAL A 331 31.64 8.59 -6.64
N THR A 332 32.25 9.72 -6.29
CA THR A 332 31.51 10.95 -6.07
C THR A 332 31.48 11.73 -7.38
N CYS A 333 30.29 12.27 -7.71
N CYS A 333 30.30 12.19 -7.78
CA CYS A 333 30.03 12.99 -8.95
CA CYS A 333 30.29 12.83 -9.09
C CYS A 333 30.67 14.37 -8.93
C CYS A 333 30.67 14.30 -8.98
N SER A 334 30.85 14.94 -10.12
CA SER A 334 31.36 16.31 -10.22
C SER A 334 30.27 17.38 -10.22
N LYS A 335 29.04 17.09 -10.70
CA LYS A 335 28.10 18.19 -10.86
C LYS A 335 26.61 17.81 -10.80
N ASP A 336 26.26 16.73 -10.15
CA ASP A 336 24.86 16.31 -10.21
C ASP A 336 24.04 17.18 -9.27
N PRO A 337 22.97 17.82 -9.75
CA PRO A 337 22.11 18.59 -8.83
C PRO A 337 21.27 17.73 -7.91
N LEU A 338 21.23 16.43 -8.15
CA LEU A 338 20.55 15.47 -7.29
C LEU A 338 21.60 14.63 -6.60
N GLY A 339 21.33 14.23 -5.37
CA GLY A 339 22.26 13.41 -4.63
C GLY A 339 22.31 11.98 -5.14
N PRO A 340 23.18 11.18 -4.55
CA PRO A 340 23.23 9.76 -4.89
C PRO A 340 21.90 9.10 -4.52
N PRO A 341 21.49 8.09 -5.27
CA PRO A 341 20.21 7.43 -4.97
C PRO A 341 20.24 6.69 -3.64
N ASN A 342 19.09 6.65 -2.99
CA ASN A 342 18.94 5.84 -1.78
C ASN A 342 19.16 4.36 -2.13
N GLY A 343 19.95 3.66 -1.32
CA GLY A 343 20.14 2.23 -1.46
C GLY A 343 21.44 1.78 -2.08
N ILE A 344 22.22 2.69 -2.68
CA ILE A 344 23.37 2.25 -3.46
C ILE A 344 24.45 1.54 -2.65
N ASN A 345 24.53 1.79 -1.34
CA ASN A 345 25.55 1.10 -0.54
C ASN A 345 25.36 -0.41 -0.52
N LEU A 346 24.15 -0.90 -0.83
CA LEU A 346 23.86 -2.32 -0.80
C LEU A 346 24.16 -3.02 -2.13
N LEU A 347 24.51 -2.28 -3.18
CA LEU A 347 24.87 -2.86 -4.46
C LEU A 347 26.29 -3.43 -4.38
N GLU A 348 26.62 -4.29 -5.33
CA GLU A 348 28.00 -4.77 -5.47
C GLU A 348 28.61 -4.19 -6.75
N ASP A 349 29.92 -3.94 -6.72
CA ASP A 349 30.67 -3.53 -7.91
C ASP A 349 30.99 -4.81 -8.67
N SER A 350 30.05 -5.23 -9.50
CA SER A 350 30.13 -6.51 -10.20
C SER A 350 29.74 -6.37 -11.66
N VAL A 351 30.31 -7.26 -12.46
CA VAL A 351 29.91 -7.52 -13.84
C VAL A 351 29.13 -8.83 -13.82
N PHE A 352 27.91 -8.82 -14.33
CA PHE A 352 27.04 -9.99 -14.32
C PHE A 352 27.01 -10.64 -15.70
N VAL A 353 27.13 -11.97 -15.73
CA VAL A 353 27.15 -12.71 -16.99
C VAL A 353 26.21 -13.90 -16.92
N THR A 354 25.22 -13.94 -17.82
CA THR A 354 24.37 -15.12 -18.00
C THR A 354 24.83 -15.86 -19.25
N THR A 355 25.25 -17.11 -19.08
CA THR A 355 25.59 -17.96 -20.21
C THR A 355 24.41 -18.88 -20.53
N LEU A 356 24.16 -19.05 -21.83
CA LEU A 356 23.13 -19.96 -22.34
C LEU A 356 23.90 -20.98 -23.18
N LEU A 357 24.07 -22.18 -22.64
CA LEU A 357 25.03 -23.13 -23.20
C LEU A 357 24.37 -24.48 -23.50
N THR A 358 24.71 -25.01 -24.68
CA THR A 358 24.23 -26.34 -25.07
C THR A 358 25.01 -27.46 -24.38
N GLU A 359 26.26 -27.20 -24.03
CA GLU A 359 27.15 -28.14 -23.34
C GLU A 359 28.00 -27.33 -22.37
N PRO A 360 28.63 -28.00 -21.39
CA PRO A 360 29.50 -27.25 -20.46
C PRO A 360 30.63 -26.56 -21.20
N ALA A 361 31.17 -25.51 -20.56
CA ALA A 361 32.23 -24.70 -21.17
C ALA A 361 32.91 -23.90 -20.07
N THR A 362 33.88 -23.07 -20.47
CA THR A 362 34.65 -22.25 -19.54
C THR A 362 34.43 -20.78 -19.90
N LEU A 363 34.09 -19.98 -18.89
CA LEU A 363 33.86 -18.55 -19.04
C LEU A 363 35.02 -17.75 -18.46
N THR A 364 35.56 -16.82 -19.25
N THR A 364 35.61 -16.88 -19.28
CA THR A 364 36.66 -15.96 -18.84
CA THR A 364 36.64 -15.95 -18.82
C THR A 364 36.25 -14.49 -19.02
C THR A 364 36.13 -14.52 -18.97
N VAL A 365 36.43 -13.70 -17.97
CA VAL A 365 36.04 -12.30 -17.96
C VAL A 365 37.25 -11.45 -17.59
N GLY A 366 37.54 -10.43 -18.40
CA GLY A 366 38.50 -9.41 -18.04
C GLY A 366 37.74 -8.13 -17.72
N SER A 367 38.02 -7.58 -16.54
CA SER A 367 37.34 -6.36 -16.10
C SER A 367 38.44 -5.39 -15.67
N GLY A 368 38.78 -4.45 -16.55
CA GLY A 368 39.95 -3.63 -16.32
C GLY A 368 41.19 -4.51 -16.25
N SER A 369 41.96 -4.34 -15.18
CA SER A 369 43.16 -5.17 -14.96
C SER A 369 42.84 -6.52 -14.33
N LEU A 370 41.60 -6.76 -13.96
CA LEU A 370 41.20 -7.99 -13.28
C LEU A 370 40.91 -9.07 -14.33
N GLU A 371 41.18 -10.32 -13.95
N GLU A 371 41.15 -10.32 -13.94
CA GLU A 371 40.97 -11.46 -14.84
CA GLU A 371 40.96 -11.45 -14.85
C GLU A 371 40.41 -12.60 -14.02
C GLU A 371 40.43 -12.64 -14.06
N PHE A 372 39.31 -13.21 -14.50
CA PHE A 372 38.67 -14.32 -13.81
C PHE A 372 38.28 -15.42 -14.79
N SER A 373 38.18 -16.65 -14.28
N SER A 373 38.19 -16.65 -14.30
CA SER A 373 37.76 -17.81 -15.04
CA SER A 373 37.69 -17.75 -15.10
C SER A 373 36.90 -18.71 -14.18
C SER A 373 36.95 -18.75 -14.23
N VAL A 374 35.88 -19.33 -14.78
CA VAL A 374 35.02 -20.25 -14.04
C VAL A 374 34.42 -21.25 -15.02
N ASP A 375 34.33 -22.51 -14.59
CA ASP A 375 33.67 -23.52 -15.41
C ASP A 375 32.16 -23.39 -15.22
N VAL A 376 31.42 -23.51 -16.32
N VAL A 376 31.43 -23.50 -16.32
CA VAL A 376 29.98 -23.30 -16.31
CA VAL A 376 29.98 -23.30 -16.31
C VAL A 376 29.27 -24.51 -16.90
C VAL A 376 29.30 -24.55 -16.86
N ASP A 377 28.21 -24.94 -16.22
CA ASP A 377 27.39 -26.07 -16.67
C ASP A 377 26.59 -25.69 -17.91
N ALA A 378 26.13 -26.71 -18.63
CA ALA A 378 25.12 -26.53 -19.66
C ALA A 378 23.84 -25.97 -19.04
N GLY A 379 23.04 -25.32 -19.87
CA GLY A 379 21.84 -24.64 -19.41
C GLY A 379 22.05 -23.14 -19.33
N ILE A 380 21.26 -22.50 -18.48
CA ILE A 380 21.30 -21.05 -18.31
C ILE A 380 21.72 -20.73 -16.89
N VAL A 381 22.90 -20.10 -16.74
CA VAL A 381 23.55 -19.89 -15.45
C VAL A 381 24.08 -18.47 -15.40
N THR A 382 23.94 -17.81 -14.24
CA THR A 382 24.50 -16.47 -14.04
C THR A 382 25.66 -16.52 -13.06
N ASN A 383 26.74 -15.82 -13.40
CA ASN A 383 27.90 -15.65 -12.53
C ASN A 383 28.23 -14.17 -12.43
N SER A 384 28.64 -13.73 -11.25
N SER A 384 28.64 -13.76 -11.23
CA SER A 384 29.05 -12.34 -11.07
CA SER A 384 29.07 -12.39 -10.95
C SER A 384 30.55 -12.26 -10.81
C SER A 384 30.60 -12.34 -10.94
N PHE A 385 31.15 -11.20 -11.33
CA PHE A 385 32.61 -11.00 -11.33
C PHE A 385 32.95 -9.63 -10.77
N PRO A 386 34.02 -9.51 -10.00
CA PRO A 386 34.44 -8.18 -9.52
C PRO A 386 34.69 -7.21 -10.67
N MET A 387 34.18 -5.99 -10.50
CA MET A 387 34.30 -4.90 -11.48
C MET A 387 35.63 -4.17 -11.37
N GLY A 388 36.31 -4.00 -12.50
CA GLY A 388 37.48 -3.14 -12.58
C GLY A 388 37.27 -2.02 -13.58
N VAL A 389 37.89 -0.88 -13.30
CA VAL A 389 37.82 0.27 -14.19
C VAL A 389 38.56 -0.02 -15.47
N GLY A 390 37.94 0.30 -16.62
CA GLY A 390 38.58 0.11 -17.91
C GLY A 390 37.76 -0.76 -18.84
N SER A 391 38.45 -1.40 -19.79
CA SER A 391 37.75 -2.21 -20.78
C SER A 391 37.32 -3.55 -20.19
N GLN A 392 36.21 -4.05 -20.72
CA GLN A 392 35.58 -5.28 -20.26
C GLN A 392 35.64 -6.28 -21.41
N ALA A 393 36.02 -7.52 -21.10
CA ALA A 393 36.15 -8.54 -22.14
C ALA A 393 35.51 -9.84 -21.66
N PHE A 394 34.90 -10.56 -22.60
CA PHE A 394 34.18 -11.80 -22.32
C PHE A 394 34.57 -12.87 -23.32
N SER A 395 34.71 -14.11 -22.84
CA SER A 395 35.07 -15.21 -23.71
C SER A 395 34.50 -16.51 -23.13
N VAL A 396 33.96 -17.36 -23.99
CA VAL A 396 33.57 -18.71 -23.62
C VAL A 396 34.34 -19.67 -24.52
N THR A 397 34.99 -20.65 -23.90
CA THR A 397 35.77 -21.64 -24.64
C THR A 397 35.28 -23.05 -24.30
N ARG A 398 35.34 -23.93 -25.29
CA ARG A 398 34.93 -25.33 -25.10
C ARG A 398 35.87 -26.20 -25.94
N ASP A 399 36.45 -27.22 -25.31
CA ASP A 399 37.43 -28.07 -25.95
C ASP A 399 38.61 -27.26 -26.48
N GLY A 400 38.97 -26.21 -25.75
CA GLY A 400 40.11 -25.39 -26.07
C GLY A 400 39.88 -24.31 -27.12
N GLU A 401 38.70 -24.23 -27.72
CA GLU A 401 38.43 -23.27 -28.79
C GLU A 401 37.36 -22.27 -28.35
N GLU A 402 37.49 -21.02 -28.80
CA GLU A 402 36.54 -19.99 -28.40
C GLU A 402 35.23 -20.16 -29.16
N ILE A 403 34.13 -20.29 -28.43
N ILE A 403 34.15 -20.30 -28.40
CA ILE A 403 32.82 -20.40 -29.09
CA ILE A 403 32.81 -20.41 -28.98
C ILE A 403 32.08 -19.07 -29.18
C ILE A 403 32.23 -19.02 -29.26
N LEU A 404 32.39 -18.10 -28.31
CA LEU A 404 31.87 -16.75 -28.48
C LEU A 404 32.68 -15.80 -27.60
N GLY A 405 32.59 -14.52 -27.92
CA GLY A 405 33.27 -13.55 -27.09
C GLY A 405 33.45 -12.23 -27.80
N GLY A 406 33.91 -11.26 -27.02
CA GLY A 406 34.15 -9.92 -27.53
C GLY A 406 34.28 -8.94 -26.39
N ASP A 407 34.31 -7.66 -26.76
CA ASP A 407 34.46 -6.57 -25.81
C ASP A 407 33.11 -6.04 -25.36
N GLY A 408 33.00 -5.71 -24.08
CA GLY A 408 31.83 -5.03 -23.61
C GLY A 408 31.68 -3.65 -24.24
N GLY A 409 30.44 -3.26 -24.49
CA GLY A 409 30.16 -2.05 -25.25
C GLY A 409 30.43 -0.76 -24.51
N LEU A 410 30.77 -0.82 -23.21
CA LEU A 410 31.03 0.37 -22.42
C LEU A 410 32.22 0.14 -21.51
N ASP A 411 33.18 1.06 -21.55
CA ASP A 411 34.30 1.02 -20.60
C ASP A 411 33.83 1.57 -19.26
N VAL A 412 34.12 0.84 -18.17
CA VAL A 412 33.82 1.32 -16.83
C VAL A 412 34.76 2.46 -16.49
N GLN A 413 34.22 3.53 -15.88
CA GLN A 413 35.01 4.70 -15.53
C GLN A 413 35.13 4.88 -14.02
N ASP A 414 36.13 5.68 -13.62
CA ASP A 414 36.36 6.00 -12.21
C ASP A 414 35.90 7.41 -11.85
N ARG A 415 35.06 8.03 -12.69
CA ARG A 415 34.56 9.37 -12.45
C ARG A 415 33.19 9.49 -13.12
N CYS A 416 32.40 10.47 -12.70
CA CYS A 416 31.11 10.73 -13.31
C CYS A 416 30.70 12.18 -13.14
N ASP A 417 29.94 12.67 -14.13
CA ASP A 417 29.26 13.95 -13.98
C ASP A 417 27.99 13.80 -13.15
N TYR A 418 27.21 12.75 -13.44
CA TYR A 418 25.94 12.48 -12.79
C TYR A 418 25.92 11.04 -12.29
N TYR A 419 25.13 10.79 -11.25
CA TYR A 419 24.96 9.42 -10.74
C TYR A 419 24.06 8.62 -11.67
N ASN A 420 24.61 7.53 -12.22
CA ASN A 420 23.86 6.64 -13.11
C ASN A 420 23.97 5.23 -12.58
N PHE A 421 22.87 4.74 -12.01
CA PHE A 421 22.80 3.38 -11.45
C PHE A 421 21.95 2.46 -12.30
N ASN A 422 21.63 2.86 -13.53
CA ASN A 422 21.23 1.96 -14.60
C ASN A 422 22.43 1.11 -15.02
N VAL A 423 22.15 0.11 -15.86
CA VAL A 423 23.20 -0.77 -16.39
C VAL A 423 23.20 -0.73 -17.92
N TYR A 424 24.39 -0.94 -18.48
CA TYR A 424 24.60 -1.28 -19.87
C TYR A 424 24.46 -2.80 -20.02
N VAL A 425 23.72 -3.25 -21.05
CA VAL A 425 23.49 -4.66 -21.31
C VAL A 425 23.93 -4.99 -22.73
N GLY A 426 24.57 -6.14 -22.92
CA GLY A 426 25.02 -6.56 -24.24
C GLY A 426 25.04 -8.08 -24.34
N SER A 427 25.39 -8.58 -25.52
CA SER A 427 25.37 -10.02 -25.74
C SER A 427 26.38 -10.41 -26.81
N PHE A 428 26.68 -11.71 -26.83
CA PHE A 428 27.38 -12.37 -27.94
C PHE A 428 26.67 -13.68 -28.22
N SER A 429 26.61 -14.04 -29.50
CA SER A 429 25.90 -15.25 -29.92
C SER A 429 26.78 -16.03 -30.88
N ALA A 430 26.84 -17.34 -30.66
CA ALA A 430 27.54 -18.21 -31.60
C ALA A 430 26.76 -18.22 -32.92
N SER B 34 -28.59 5.15 32.28
CA SER B 34 -28.25 5.14 30.87
C SER B 34 -27.99 3.73 30.35
N ASN B 35 -28.35 3.51 29.09
CA ASN B 35 -28.02 2.26 28.41
C ASN B 35 -27.08 2.48 27.23
N LYS B 36 -26.42 3.63 27.16
N LYS B 36 -26.42 3.63 27.16
CA LYS B 36 -25.48 3.94 26.07
CA LYS B 36 -25.48 3.93 26.08
C LYS B 36 -24.05 3.77 26.58
C LYS B 36 -24.05 3.75 26.59
N TYR B 37 -23.18 3.22 25.73
CA TYR B 37 -21.82 2.86 26.11
C TYR B 37 -20.84 3.22 25.01
N VAL B 38 -19.60 3.49 25.40
CA VAL B 38 -18.53 3.85 24.49
C VAL B 38 -17.40 2.84 24.67
N THR B 39 -16.93 2.28 23.55
CA THR B 39 -15.87 1.27 23.54
C THR B 39 -14.72 1.79 22.68
N ALA B 40 -13.59 1.08 22.72
CA ALA B 40 -12.43 1.48 21.91
C ALA B 40 -11.72 0.25 21.37
N HIS B 41 -11.34 0.33 20.09
CA HIS B 41 -10.69 -0.74 19.36
C HIS B 41 -9.25 -0.89 19.82
N PHE B 42 -8.88 -2.07 20.32
CA PHE B 42 -7.55 -2.35 20.85
C PHE B 42 -6.90 -3.45 20.02
N MET B 43 -5.71 -3.18 19.47
CA MET B 43 -4.95 -4.17 18.69
C MET B 43 -4.20 -5.16 19.55
N VAL B 44 -4.78 -6.35 19.73
CA VAL B 44 -4.07 -7.41 20.45
C VAL B 44 -2.85 -7.88 19.64
N GLY B 45 -2.90 -7.74 18.32
CA GLY B 45 -1.81 -8.22 17.49
C GLY B 45 -0.46 -7.59 17.79
N ILE B 46 -0.45 -6.38 18.35
CA ILE B 46 0.81 -5.68 18.61
C ILE B 46 1.26 -5.77 20.07
N VAL B 47 0.60 -6.60 20.89
CA VAL B 47 0.95 -6.64 22.31
C VAL B 47 1.38 -8.04 22.77
N GLU B 48 2.12 -8.76 21.94
CA GLU B 48 2.64 -10.08 22.34
C GLU B 48 3.30 -10.05 23.71
N ASN B 49 4.03 -8.97 24.02
CA ASN B 49 4.84 -8.91 25.24
C ASN B 49 4.16 -8.15 26.38
N TYR B 50 2.89 -7.78 26.24
CA TYR B 50 2.20 -7.15 27.35
C TYR B 50 2.13 -8.07 28.56
N THR B 51 2.11 -7.45 29.74
CA THR B 51 1.79 -8.07 31.01
C THR B 51 0.43 -7.58 31.46
N VAL B 52 -0.10 -8.22 32.52
CA VAL B 52 -1.34 -7.74 33.12
C VAL B 52 -1.19 -6.28 33.53
N ASP B 53 -0.03 -5.91 34.06
N ASP B 53 -0.03 -5.90 34.07
CA ASP B 53 0.22 -4.54 34.49
CA ASP B 53 0.17 -4.52 34.49
C ASP B 53 0.12 -3.58 33.31
C ASP B 53 0.12 -3.55 33.31
N ASP B 54 0.65 -3.96 32.15
CA ASP B 54 0.54 -3.12 30.95
C ASP B 54 -0.91 -2.90 30.57
N TRP B 55 -1.73 -3.96 30.62
CA TRP B 55 -3.14 -3.81 30.32
C TRP B 55 -3.81 -2.88 31.30
N LYS B 56 -3.51 -3.03 32.59
CA LYS B 56 -4.15 -2.20 33.61
C LYS B 56 -3.89 -0.72 33.35
N HIS B 57 -2.68 -0.39 32.91
CA HIS B 57 -2.34 1.02 32.64
C HIS B 57 -3.20 1.60 31.52
N ASP B 58 -3.38 0.86 30.42
CA ASP B 58 -4.25 1.35 29.35
C ASP B 58 -5.68 1.52 29.86
N MET B 59 -6.12 0.57 30.69
CA MET B 59 -7.52 0.54 31.11
C MET B 59 -7.81 1.70 32.06
N GLU B 60 -6.86 2.04 32.93
CA GLU B 60 -7.06 3.19 33.81
C GLU B 60 -7.20 4.48 33.00
N LEU B 61 -6.35 4.66 31.98
CA LEU B 61 -6.47 5.83 31.12
C LEU B 61 -7.79 5.85 30.37
N ALA B 62 -8.25 4.68 29.90
CA ALA B 62 -9.54 4.61 29.21
C ALA B 62 -10.68 4.96 30.16
N LYS B 63 -10.64 4.43 31.39
CA LYS B 63 -11.63 4.74 32.41
C LYS B 63 -11.71 6.25 32.65
N GLU B 64 -10.56 6.91 32.76
CA GLU B 64 -10.57 8.34 33.02
C GLU B 64 -11.21 9.14 31.90
N THR B 65 -11.16 8.63 30.66
CA THR B 65 -11.80 9.28 29.53
C THR B 65 -13.31 9.05 29.51
N GLY B 66 -13.81 8.08 30.27
CA GLY B 66 -15.19 7.67 30.21
C GLY B 66 -15.47 6.50 29.30
N ILE B 67 -14.44 5.88 28.73
CA ILE B 67 -14.64 4.68 27.91
C ILE B 67 -15.03 3.52 28.80
N ASP B 68 -16.00 2.71 28.34
CA ASP B 68 -16.54 1.61 29.14
C ASP B 68 -15.85 0.28 28.90
N ALA B 69 -15.27 0.05 27.72
CA ALA B 69 -14.71 -1.26 27.40
C ALA B 69 -13.76 -1.15 26.22
N PHE B 70 -12.81 -2.08 26.16
CA PHE B 70 -11.99 -2.31 24.98
C PHE B 70 -12.59 -3.44 24.15
N ALA B 71 -12.67 -3.22 22.84
CA ALA B 71 -12.86 -4.30 21.86
C ALA B 71 -11.49 -4.91 21.62
N LEU B 72 -11.30 -6.16 22.04
CA LEU B 72 -10.00 -6.82 21.95
C LEU B 72 -9.92 -7.45 20.58
N ASN B 73 -9.31 -6.72 19.64
CA ASN B 73 -9.24 -7.17 18.26
C ASN B 73 -8.08 -8.14 18.11
N CYS B 74 -8.38 -9.40 17.79
CA CYS B 74 -7.38 -10.44 17.81
C CYS B 74 -7.47 -11.30 16.56
N ALA B 75 -6.39 -12.02 16.30
CA ALA B 75 -6.24 -12.82 15.10
C ALA B 75 -5.95 -14.29 15.44
N SER B 76 -6.52 -15.18 14.63
CA SER B 76 -6.28 -16.61 14.83
C SER B 76 -4.82 -16.97 14.64
N ILE B 77 -4.09 -16.20 13.83
CA ILE B 77 -2.71 -16.55 13.45
C ILE B 77 -1.67 -16.19 14.49
N ASP B 78 -2.01 -15.37 15.49
CA ASP B 78 -1.04 -14.97 16.50
C ASP B 78 -0.99 -16.03 17.59
N SER B 79 0.19 -16.61 17.83
CA SER B 79 0.30 -17.67 18.82
C SER B 79 0.01 -17.17 20.24
N TYR B 80 0.02 -15.86 20.45
CA TYR B 80 -0.14 -15.25 21.75
C TYR B 80 -1.56 -14.76 22.00
N THR B 81 -2.51 -15.05 21.10
CA THR B 81 -3.88 -14.57 21.28
C THR B 81 -4.50 -15.05 22.59
N ASP B 82 -4.47 -16.37 22.86
CA ASP B 82 -5.09 -16.86 24.10
C ASP B 82 -4.44 -16.27 25.34
N LYS B 83 -3.11 -16.17 25.36
CA LYS B 83 -2.41 -15.60 26.49
C LYS B 83 -2.85 -14.16 26.75
N GLN B 84 -2.92 -13.35 25.68
CA GLN B 84 -3.20 -11.93 25.86
C GLN B 84 -4.68 -11.68 26.14
N LEU B 85 -5.58 -12.48 25.58
CA LEU B 85 -6.97 -12.39 25.99
C LEU B 85 -7.11 -12.67 27.47
N ALA B 86 -6.40 -13.70 27.97
CA ALA B 86 -6.48 -14.02 29.39
C ALA B 86 -5.95 -12.87 30.25
N TYR B 87 -4.83 -12.26 29.85
CA TYR B 87 -4.31 -11.13 30.61
C TYR B 87 -5.27 -9.95 30.60
N ALA B 88 -5.90 -9.67 29.45
CA ALA B 88 -6.81 -8.53 29.37
C ALA B 88 -8.04 -8.75 30.25
N TYR B 89 -8.63 -9.95 30.22
CA TYR B 89 -9.81 -10.18 31.05
C TYR B 89 -9.46 -10.13 32.54
N GLU B 90 -8.27 -10.63 32.90
CA GLU B 90 -7.81 -10.53 34.28
C GLU B 90 -7.62 -9.08 34.70
N ALA B 91 -6.98 -8.28 33.84
CA ALA B 91 -6.80 -6.87 34.16
C ALA B 91 -8.13 -6.13 34.29
N ALA B 92 -9.08 -6.41 33.39
CA ALA B 92 -10.38 -5.76 33.45
C ALA B 92 -11.09 -6.06 34.77
N GLU B 93 -11.11 -7.33 35.17
CA GLU B 93 -11.72 -7.68 36.45
C GLU B 93 -11.02 -6.97 37.60
N GLU B 94 -9.69 -6.88 37.55
CA GLU B 94 -8.93 -6.29 38.66
C GLU B 94 -9.22 -4.80 38.82
N VAL B 95 -9.41 -4.05 37.73
CA VAL B 95 -9.54 -2.60 37.81
C VAL B 95 -10.97 -2.12 37.53
N ASP B 96 -11.94 -3.03 37.56
CA ASP B 96 -13.35 -2.68 37.33
C ASP B 96 -13.55 -1.99 35.98
N PHE B 97 -12.93 -2.57 34.95
CA PHE B 97 -13.14 -2.23 33.55
C PHE B 97 -13.82 -3.42 32.88
N LYS B 98 -14.15 -3.28 31.59
CA LYS B 98 -14.78 -4.37 30.85
C LYS B 98 -14.10 -4.52 29.49
N VAL B 99 -14.21 -5.73 28.94
CA VAL B 99 -13.64 -6.06 27.63
C VAL B 99 -14.61 -6.97 26.90
N PHE B 100 -14.48 -6.99 25.57
CA PHE B 100 -15.18 -7.96 24.73
C PHE B 100 -14.30 -8.20 23.53
N ILE B 101 -14.57 -9.29 22.80
CA ILE B 101 -13.68 -9.73 21.73
C ILE B 101 -14.16 -9.21 20.39
N SER B 102 -13.21 -8.69 19.60
CA SER B 102 -13.41 -8.41 18.17
C SER B 102 -12.61 -9.46 17.41
N PHE B 103 -13.31 -10.38 16.76
CA PHE B 103 -12.63 -11.38 15.93
C PHE B 103 -12.28 -10.75 14.59
N ASP B 104 -10.99 -10.61 14.31
CA ASP B 104 -10.51 -9.94 13.11
C ASP B 104 -10.53 -10.94 11.97
N PHE B 105 -11.54 -10.82 11.10
CA PHE B 105 -11.72 -11.76 9.99
C PHE B 105 -10.88 -11.40 8.78
N ALA B 106 -9.93 -10.46 8.92
CA ALA B 106 -8.79 -10.48 8.02
C ALA B 106 -7.92 -11.71 8.25
N TYR B 107 -8.08 -12.38 9.41
CA TYR B 107 -7.25 -13.52 9.80
C TYR B 107 -8.09 -14.74 10.18
N TRP B 108 -9.07 -14.57 11.05
CA TRP B 108 -10.04 -15.63 11.32
C TRP B 108 -10.83 -15.93 10.06
N SER B 109 -11.37 -17.16 9.99
CA SER B 109 -12.22 -17.57 8.87
C SER B 109 -13.37 -18.43 9.40
N ASN B 110 -14.35 -18.68 8.51
CA ASN B 110 -15.54 -19.40 8.94
C ASN B 110 -15.21 -20.82 9.43
N GLY B 111 -14.14 -21.41 8.91
CA GLY B 111 -13.70 -22.71 9.37
C GLY B 111 -13.20 -22.74 10.81
N ASP B 112 -13.07 -21.57 11.46
CA ASP B 112 -12.62 -21.50 12.84
C ASP B 112 -13.78 -21.52 13.83
N THR B 113 -14.98 -21.92 13.38
N THR B 113 -14.98 -21.90 13.39
CA THR B 113 -16.17 -21.81 14.22
CA THR B 113 -16.18 -21.85 14.25
C THR B 113 -16.02 -22.52 15.57
C THR B 113 -15.94 -22.49 15.60
N ALA B 114 -15.38 -23.70 15.60
CA ALA B 114 -15.21 -24.41 16.86
C ALA B 114 -14.33 -23.65 17.84
N ARG B 115 -13.25 -23.01 17.35
CA ARG B 115 -12.38 -22.27 18.26
C ARG B 115 -13.05 -20.98 18.75
N ILE B 116 -13.77 -20.30 17.86
CA ILE B 116 -14.55 -19.14 18.29
C ILE B 116 -15.56 -19.54 19.35
N THR B 117 -16.19 -20.72 19.19
CA THR B 117 -17.13 -21.22 20.18
C THR B 117 -16.45 -21.47 21.53
N SER B 118 -15.27 -22.11 21.52
CA SER B 118 -14.64 -22.41 22.81
C SER B 118 -14.15 -21.15 23.50
N ILE B 119 -13.69 -20.16 22.72
CA ILE B 119 -13.30 -18.89 23.32
C ILE B 119 -14.51 -18.22 23.95
N MET B 120 -15.65 -18.23 23.26
CA MET B 120 -16.85 -17.65 23.86
C MET B 120 -17.33 -18.44 25.07
N GLN B 121 -17.12 -19.76 25.11
N GLN B 121 -17.13 -19.76 25.09
CA GLN B 121 -17.49 -20.51 26.30
CA GLN B 121 -17.46 -20.55 26.28
C GLN B 121 -16.63 -20.09 27.49
C GLN B 121 -16.65 -20.06 27.47
N THR B 122 -15.36 -19.77 27.24
CA THR B 122 -14.49 -19.27 28.31
C THR B 122 -14.97 -17.93 28.83
N TYR B 123 -15.34 -17.00 27.93
CA TYR B 123 -15.44 -15.60 28.32
C TYR B 123 -16.86 -15.03 28.43
N ALA B 124 -17.89 -15.70 27.91
CA ALA B 124 -19.20 -15.04 27.87
C ALA B 124 -19.70 -14.63 29.26
N ASP B 125 -19.42 -15.43 30.29
N ASP B 125 -19.36 -15.42 30.27
CA ASP B 125 -19.83 -15.07 31.65
CA ASP B 125 -19.78 -15.23 31.66
C ASP B 125 -18.65 -14.75 32.56
C ASP B 125 -18.67 -14.68 32.54
N HIS B 126 -17.50 -14.35 31.98
CA HIS B 126 -16.37 -13.94 32.80
C HIS B 126 -16.67 -12.61 33.50
N PRO B 127 -16.21 -12.41 34.74
CA PRO B 127 -16.53 -11.15 35.43
C PRO B 127 -16.10 -9.89 34.70
N GLY B 128 -15.10 -9.96 33.83
CA GLY B 128 -14.66 -8.80 33.08
C GLY B 128 -15.30 -8.63 31.71
N GLN B 129 -16.17 -9.54 31.30
CA GLN B 129 -16.83 -9.46 30.01
C GLN B 129 -17.91 -8.38 30.01
N PHE B 130 -17.87 -7.51 29.00
CA PHE B 130 -18.88 -6.48 28.85
C PHE B 130 -20.24 -7.10 28.47
N GLN B 131 -21.27 -6.78 29.25
CA GLN B 131 -22.62 -7.24 29.01
C GLN B 131 -23.49 -6.10 28.49
N TYR B 132 -24.31 -6.39 27.49
CA TYR B 132 -25.25 -5.44 26.93
C TYR B 132 -26.61 -6.13 26.84
N ASN B 133 -27.65 -5.50 27.37
CA ASN B 133 -28.98 -6.11 27.49
C ASN B 133 -28.92 -7.57 27.93
N GLY B 134 -28.13 -7.82 28.98
CA GLY B 134 -28.05 -9.13 29.58
C GLY B 134 -27.28 -10.17 28.80
N ALA B 135 -26.44 -9.77 27.85
CA ALA B 135 -25.76 -10.71 26.96
C ALA B 135 -24.33 -10.24 26.71
N ALA B 136 -23.45 -11.20 26.44
CA ALA B 136 -22.04 -10.89 26.23
C ALA B 136 -21.83 -10.28 24.84
N LEU B 137 -21.36 -9.04 24.81
CA LEU B 137 -21.09 -8.41 23.52
C LEU B 137 -19.95 -9.10 22.81
N VAL B 138 -20.11 -9.31 21.49
CA VAL B 138 -19.04 -9.82 20.65
C VAL B 138 -19.11 -9.09 19.30
N SER B 139 -17.94 -8.87 18.69
CA SER B 139 -17.88 -8.14 17.42
C SER B 139 -16.83 -8.75 16.51
N THR B 140 -16.63 -8.08 15.36
CA THR B 140 -15.67 -8.53 14.36
C THR B 140 -15.06 -7.33 13.66
N PHE B 141 -14.00 -7.59 12.90
CA PHE B 141 -13.66 -6.79 11.73
C PHE B 141 -13.91 -7.69 10.52
N VAL B 142 -14.66 -7.16 9.54
CA VAL B 142 -15.28 -7.94 8.46
C VAL B 142 -15.90 -9.23 9.01
N GLY B 143 -15.87 -10.33 8.25
CA GLY B 143 -16.58 -11.52 8.70
C GLY B 143 -18.08 -11.44 8.54
N ASP B 144 -18.54 -10.73 7.51
CA ASP B 144 -19.97 -10.52 7.27
C ASP B 144 -20.74 -11.83 7.16
N SER B 145 -20.11 -12.88 6.66
CA SER B 145 -20.78 -14.16 6.44
C SER B 145 -20.63 -15.12 7.61
N PHE B 146 -19.90 -14.76 8.66
CA PHE B 146 -19.72 -15.69 9.77
C PHE B 146 -21.02 -15.87 10.54
N ASP B 147 -21.42 -17.13 10.71
CA ASP B 147 -22.70 -17.50 11.31
C ASP B 147 -22.55 -17.64 12.82
N TRP B 148 -23.21 -16.73 13.57
CA TRP B 148 -23.19 -16.80 15.03
C TRP B 148 -24.15 -17.84 15.59
N GLY B 149 -25.05 -18.41 14.77
CA GLY B 149 -25.99 -19.40 15.23
C GLY B 149 -25.38 -20.54 16.02
N PRO B 150 -24.38 -21.24 15.46
CA PRO B 150 -23.79 -22.37 16.20
C PRO B 150 -23.12 -21.96 17.49
N VAL B 151 -22.50 -20.79 17.50
CA VAL B 151 -21.85 -20.29 18.70
C VAL B 151 -22.88 -20.04 19.80
N LYS B 152 -23.96 -19.34 19.45
CA LYS B 152 -25.02 -19.04 20.42
C LYS B 152 -25.68 -20.31 20.94
N ARG B 153 -25.90 -21.30 20.06
CA ARG B 153 -26.57 -22.53 20.49
C ARG B 153 -25.70 -23.33 21.45
N ALA B 154 -24.38 -23.30 21.28
CA ALA B 154 -23.46 -24.05 22.14
C ALA B 154 -23.21 -23.38 23.49
N VAL B 155 -23.20 -22.06 23.55
CA VAL B 155 -22.83 -21.32 24.76
C VAL B 155 -24.06 -21.05 25.60
N ASP B 156 -24.01 -21.44 26.88
CA ASP B 156 -25.19 -21.30 27.74
C ASP B 156 -25.57 -19.83 27.94
N HIS B 157 -24.57 -18.99 28.19
CA HIS B 157 -24.84 -17.59 28.48
C HIS B 157 -25.22 -16.86 27.18
N PRO B 158 -26.17 -15.94 27.24
CA PRO B 158 -26.55 -15.20 26.02
C PRO B 158 -25.40 -14.37 25.46
N ILE B 159 -25.37 -14.25 24.14
CA ILE B 159 -24.36 -13.51 23.40
C ILE B 159 -25.08 -12.46 22.55
N PHE B 160 -24.48 -11.27 22.46
CA PHE B 160 -25.05 -10.15 21.71
C PHE B 160 -24.06 -9.84 20.59
N ALA B 161 -24.35 -10.31 19.38
CA ALA B 161 -23.39 -10.28 18.28
C ALA B 161 -23.61 -9.03 17.44
N VAL B 162 -22.59 -8.17 17.37
CA VAL B 162 -22.63 -6.91 16.63
C VAL B 162 -21.41 -6.90 15.69
N PRO B 163 -21.42 -7.71 14.63
CA PRO B 163 -20.26 -7.78 13.73
C PRO B 163 -20.12 -6.50 12.90
N ASN B 164 -18.89 -6.30 12.41
CA ASN B 164 -18.64 -5.29 11.39
C ASN B 164 -19.21 -5.81 10.06
N LEU B 165 -20.15 -5.05 9.47
CA LEU B 165 -20.70 -5.37 8.16
C LEU B 165 -20.31 -4.30 7.16
N GLN B 166 -19.94 -4.75 5.94
CA GLN B 166 -19.52 -3.83 4.89
C GLN B 166 -20.70 -3.26 4.10
N ASP B 167 -21.78 -4.02 3.95
CA ASP B 167 -22.95 -3.59 3.19
C ASP B 167 -24.10 -3.38 4.16
N PRO B 168 -24.51 -2.14 4.43
CA PRO B 168 -25.64 -1.92 5.34
C PRO B 168 -26.92 -2.62 4.91
N ASN B 169 -27.09 -2.90 3.62
CA ASN B 169 -28.30 -3.60 3.17
C ASN B 169 -28.36 -5.03 3.70
N TRP B 170 -27.22 -5.63 4.02
CA TRP B 170 -27.20 -6.95 4.60
C TRP B 170 -27.63 -6.95 6.07
N ALA B 171 -27.49 -5.81 6.75
CA ALA B 171 -27.70 -5.75 8.19
C ALA B 171 -29.12 -6.15 8.61
N GLY B 172 -30.13 -5.81 7.80
CA GLY B 172 -31.50 -6.00 8.25
C GLY B 172 -32.07 -7.40 8.08
N HIS B 173 -31.46 -8.23 7.23
CA HIS B 173 -31.97 -9.58 7.02
C HIS B 173 -30.85 -10.61 7.09
N ALA B 174 -29.76 -10.29 7.77
CA ALA B 174 -28.64 -11.21 7.86
C ALA B 174 -29.11 -12.56 8.42
N THR B 175 -28.64 -13.63 7.81
CA THR B 175 -28.99 -14.99 8.20
C THR B 175 -28.06 -15.55 9.27
N THR B 176 -27.21 -14.69 9.84
CA THR B 176 -26.11 -15.10 10.70
C THR B 176 -26.40 -14.91 12.18
N SER B 177 -27.66 -14.67 12.55
CA SER B 177 -28.07 -14.55 13.96
C SER B 177 -27.37 -13.39 14.68
N ILE B 178 -27.48 -12.20 14.10
CA ILE B 178 -26.85 -11.03 14.67
C ILE B 178 -27.89 -10.16 15.39
N ASP B 179 -27.40 -9.34 16.31
CA ASP B 179 -28.23 -8.47 17.14
C ASP B 179 -28.03 -7.00 16.79
N GLY B 180 -27.15 -6.72 15.85
CA GLY B 180 -26.84 -5.36 15.46
C GLY B 180 -25.67 -5.38 14.50
N ALA B 181 -25.23 -4.18 14.10
CA ALA B 181 -24.08 -4.08 13.20
C ALA B 181 -23.20 -2.92 13.59
N PHE B 182 -21.90 -3.08 13.30
CA PHE B 182 -20.85 -2.10 13.54
C PHE B 182 -20.32 -1.63 12.20
N SER B 183 -20.28 -0.31 11.99
CA SER B 183 -19.77 0.25 10.74
C SER B 183 -18.30 0.65 10.90
N TRP B 184 -17.51 0.37 9.86
CA TRP B 184 -16.13 0.83 9.74
C TRP B 184 -16.00 2.10 8.90
N TYR B 185 -17.10 2.75 8.54
CA TYR B 185 -17.09 3.96 7.72
C TYR B 185 -16.87 5.18 8.61
N ALA B 186 -15.64 5.30 9.11
CA ALA B 186 -15.30 6.33 10.10
C ALA B 186 -14.71 7.59 9.50
N TRP B 187 -14.49 7.62 8.19
CA TRP B 187 -13.85 8.72 7.48
C TRP B 187 -14.62 8.97 6.20
N PRO B 188 -14.39 10.09 5.51
CA PRO B 188 -15.10 10.33 4.24
C PRO B 188 -14.65 9.31 3.20
N THR B 189 -15.60 8.54 2.67
CA THR B 189 -15.28 7.46 1.73
C THR B 189 -16.53 7.03 0.98
N ASP B 190 -16.34 6.56 -0.25
CA ASP B 190 -17.42 5.98 -1.02
C ASP B 190 -17.40 4.45 -0.98
N GLY B 191 -16.63 3.86 -0.07
CA GLY B 191 -16.55 2.42 0.04
C GLY B 191 -15.28 1.87 -0.58
N GLY B 192 -14.94 0.65 -0.20
CA GLY B 192 -13.74 0.01 -0.76
C GLY B 192 -12.45 0.74 -0.51
N ASN B 193 -12.40 1.57 0.54
CA ASN B 193 -11.26 2.42 0.91
C ASN B 193 -11.06 3.60 -0.04
N SER B 194 -12.06 3.92 -0.86
CA SER B 194 -11.97 5.09 -1.74
C SER B 194 -11.86 6.37 -0.92
N ILE B 195 -11.07 7.32 -1.44
CA ILE B 195 -10.80 8.59 -0.77
C ILE B 195 -11.65 9.67 -1.42
N ILE B 196 -12.36 10.45 -0.59
CA ILE B 196 -13.15 11.58 -1.07
C ILE B 196 -12.91 12.81 -0.18
N LYS B 197 -13.28 13.97 -0.72
N LYS B 197 -13.28 13.97 -0.72
CA LYS B 197 -13.17 15.21 0.04
CA LYS B 197 -13.16 15.21 0.04
C LYS B 197 -14.07 15.17 1.27
C LYS B 197 -14.07 15.18 1.26
N GLY B 198 -13.66 15.90 2.31
CA GLY B 198 -14.49 16.09 3.47
C GLY B 198 -15.38 17.32 3.29
N PRO B 199 -16.03 17.78 4.37
CA PRO B 199 -15.98 17.22 5.72
C PRO B 199 -16.76 15.92 5.83
N MET B 200 -16.52 15.22 6.94
CA MET B 200 -17.22 13.97 7.24
C MET B 200 -18.73 14.28 7.29
N THR B 201 -19.53 13.42 6.69
CA THR B 201 -20.98 13.47 6.83
C THR B 201 -21.46 12.15 7.43
N THR B 202 -22.77 12.10 7.73
CA THR B 202 -23.38 10.90 8.29
C THR B 202 -24.03 10.01 7.23
N ILE B 203 -23.58 10.09 5.97
CA ILE B 203 -24.23 9.35 4.89
C ILE B 203 -24.24 7.85 5.14
N TRP B 204 -23.13 7.28 5.60
CA TRP B 204 -23.13 5.85 5.86
C TRP B 204 -23.89 5.51 7.14
N ASP B 205 -23.79 6.37 8.16
CA ASP B 205 -24.54 6.12 9.39
C ASP B 205 -26.02 6.01 9.12
N ASP B 206 -26.54 6.90 8.25
CA ASP B 206 -27.96 6.86 7.92
C ASP B 206 -28.34 5.54 7.25
N ARG B 207 -27.47 5.01 6.39
CA ARG B 207 -27.77 3.74 5.71
C ARG B 207 -27.83 2.59 6.71
N PHE B 208 -26.89 2.54 7.67
CA PHE B 208 -26.94 1.50 8.69
C PHE B 208 -28.19 1.64 9.56
N ARG B 209 -28.48 2.86 10.03
CA ARG B 209 -29.64 3.05 10.90
C ARG B 209 -30.94 2.67 10.20
N ASN B 210 -31.04 3.00 8.90
N ASN B 210 -31.05 2.99 8.91
CA ASN B 210 -32.24 2.68 8.12
CA ASN B 210 -32.27 2.68 8.17
C ASN B 210 -32.45 1.19 7.99
C ASN B 210 -32.45 1.18 7.95
N ASN B 211 -31.37 0.41 8.02
CA ASN B 211 -31.45 -1.04 7.89
C ASN B 211 -31.48 -1.77 9.23
N LEU B 212 -31.36 -1.05 10.34
CA LEU B 212 -31.27 -1.65 11.67
C LEU B 212 -32.38 -1.14 12.60
N LYS B 213 -33.56 -0.83 12.05
CA LYS B 213 -34.54 -0.09 12.84
C LYS B 213 -35.00 -0.82 14.11
N ASP B 214 -34.88 -2.14 14.17
CA ASP B 214 -35.14 -2.83 15.43
C ASP B 214 -33.91 -3.34 16.15
N LYS B 215 -32.79 -3.48 15.45
CA LYS B 215 -31.55 -3.95 16.04
C LYS B 215 -30.72 -2.75 16.49
N VAL B 216 -29.46 -3.00 16.88
N VAL B 216 -29.50 -2.98 16.92
CA VAL B 216 -28.57 -2.02 17.49
CA VAL B 216 -28.70 -1.86 17.44
C VAL B 216 -27.54 -1.55 16.45
C VAL B 216 -27.59 -1.52 16.45
N TYR B 217 -27.21 -0.26 16.47
CA TYR B 217 -26.15 0.28 15.63
C TYR B 217 -24.97 0.70 16.52
N MET B 218 -23.78 0.19 16.22
CA MET B 218 -22.55 0.65 16.87
C MET B 218 -21.84 1.57 15.87
N ALA B 219 -21.78 2.86 16.17
CA ALA B 219 -21.20 3.83 15.25
C ALA B 219 -19.70 4.01 15.51
N PRO B 220 -18.89 4.20 14.47
CA PRO B 220 -17.45 4.39 14.65
C PRO B 220 -17.11 5.86 14.87
N VAL B 221 -16.14 6.10 15.75
CA VAL B 221 -15.58 7.43 15.93
C VAL B 221 -14.07 7.32 15.79
N SER B 222 -13.50 8.05 14.83
CA SER B 222 -12.05 8.05 14.61
C SER B 222 -11.57 9.47 14.42
N PRO B 223 -10.38 9.84 14.96
CA PRO B 223 -9.91 11.23 14.81
C PRO B 223 -9.18 11.54 13.50
N TRP B 224 -8.56 10.54 12.86
CA TRP B 224 -7.56 10.80 11.83
C TRP B 224 -7.33 9.51 11.04
N PHE B 225 -6.57 9.62 9.95
CA PHE B 225 -6.15 8.41 9.23
C PHE B 225 -4.93 8.77 8.41
N SER B 226 -3.83 8.06 8.65
CA SER B 226 -2.64 8.18 7.80
C SER B 226 -1.86 6.89 7.94
N THR B 227 -1.54 6.24 6.81
CA THR B 227 -0.77 5.00 6.86
C THR B 227 0.29 5.04 5.75
N HIS B 228 1.42 4.36 5.98
CA HIS B 228 2.56 4.53 5.06
C HIS B 228 3.36 3.21 4.99
N PHE B 229 2.76 2.23 4.35
CA PHE B 229 3.39 0.90 4.17
C PHE B 229 3.20 0.51 2.70
N ASN B 230 3.89 -0.53 2.26
CA ASN B 230 3.70 -1.05 0.89
C ASN B 230 2.22 -1.48 0.73
N THR B 231 1.62 -2.09 1.75
CA THR B 231 0.24 -2.64 1.62
C THR B 231 -0.84 -1.57 1.77
N LYS B 232 -0.48 -0.38 2.26
CA LYS B 232 -1.45 0.69 2.47
C LYS B 232 -0.71 2.00 2.64
N ASN B 233 -0.94 2.97 1.74
CA ASN B 233 -0.17 4.21 1.74
C ASN B 233 -1.11 5.33 1.29
N TRP B 234 -1.94 5.80 2.23
CA TRP B 234 -2.89 6.85 1.90
C TRP B 234 -3.33 7.59 3.16
N VAL B 235 -4.00 8.73 2.93
CA VAL B 235 -4.71 9.49 3.96
C VAL B 235 -6.20 9.54 3.61
N PHE B 236 -7.04 9.57 4.64
CA PHE B 236 -8.41 10.07 4.47
C PHE B 236 -8.44 11.54 4.88
N ILE B 237 -9.46 12.26 4.42
CA ILE B 237 -9.50 13.72 4.60
C ILE B 237 -10.32 14.02 5.84
N CYS B 238 -9.61 14.22 6.97
CA CYS B 238 -10.19 14.24 8.31
C CYS B 238 -10.27 15.65 8.88
N GLU B 239 -9.12 16.30 9.08
CA GLU B 239 -9.08 17.74 9.35
C GLU B 239 -9.69 18.10 10.71
N ASP B 240 -10.94 18.59 10.74
CA ASP B 240 -11.63 18.86 12.01
C ASP B 240 -12.28 17.63 12.64
N LEU B 241 -12.19 16.46 12.02
CA LEU B 241 -12.78 15.21 12.51
C LEU B 241 -12.60 14.92 14.00
N PRO B 242 -11.44 15.17 14.64
CA PRO B 242 -11.31 14.86 16.08
C PRO B 242 -12.36 15.51 16.94
N HIS B 243 -12.94 16.64 16.50
CA HIS B 243 -14.05 17.30 17.17
C HIS B 243 -15.38 17.03 16.47
N LEU B 244 -15.42 17.23 15.15
CA LEU B 244 -16.70 17.15 14.42
C LEU B 244 -17.42 15.82 14.63
N ARG B 245 -16.69 14.69 14.63
CA ARG B 245 -17.38 13.42 14.73
C ARG B 245 -18.11 13.27 16.06
N TRP B 246 -17.56 13.82 17.15
CA TRP B 246 -18.24 13.76 18.44
C TRP B 246 -19.52 14.59 18.43
N GLN B 247 -19.50 15.73 17.74
CA GLN B 247 -20.74 16.49 17.59
C GLN B 247 -21.79 15.67 16.86
N GLN B 248 -21.38 14.92 15.83
CA GLN B 248 -22.34 14.08 15.12
C GLN B 248 -22.95 13.03 16.04
N MET B 249 -22.15 12.49 16.96
CA MET B 249 -22.66 11.50 17.93
C MET B 249 -23.79 12.06 18.78
N LEU B 250 -23.69 13.31 19.22
CA LEU B 250 -24.73 13.85 20.10
C LEU B 250 -26.05 14.01 19.34
N GLU B 251 -26.00 14.29 18.05
CA GLU B 251 -27.22 14.39 17.25
C GLU B 251 -27.76 13.01 16.91
N MET B 252 -26.87 12.06 16.62
CA MET B 252 -27.25 10.75 16.12
C MET B 252 -27.82 9.85 17.22
N GLN B 253 -27.19 9.88 18.40
CA GLN B 253 -27.54 8.99 19.51
C GLN B 253 -27.58 7.50 19.13
N PRO B 254 -26.49 6.96 18.57
CA PRO B 254 -26.44 5.52 18.29
C PRO B 254 -26.51 4.72 19.59
N GLU B 255 -26.89 3.46 19.47
CA GLU B 255 -26.99 2.63 20.68
C GLU B 255 -25.62 2.41 21.32
N LEU B 256 -24.57 2.32 20.52
CA LEU B 256 -23.21 2.09 20.99
C LEU B 256 -22.25 2.86 20.11
N ILE B 257 -21.05 3.12 20.64
CA ILE B 257 -19.97 3.75 19.91
C ILE B 257 -18.72 2.89 20.07
N GLU B 258 -17.93 2.77 19.00
CA GLU B 258 -16.58 2.24 19.09
C GLU B 258 -15.59 3.26 18.53
N ILE B 259 -14.63 3.65 19.37
CA ILE B 259 -13.55 4.53 18.94
C ILE B 259 -12.50 3.71 18.19
N ILE B 260 -12.20 4.14 16.97
CA ILE B 260 -11.14 3.59 16.15
C ILE B 260 -10.02 4.62 16.18
N SER B 261 -9.00 4.46 17.04
CA SER B 261 -8.71 3.28 17.85
C SER B 261 -7.98 3.70 19.13
N TRP B 262 -7.76 2.75 20.04
CA TRP B 262 -6.88 3.03 21.18
C TRP B 262 -5.42 3.08 20.75
N ASN B 263 -4.96 2.09 19.95
CA ASN B 263 -3.52 1.91 19.79
C ASN B 263 -3.09 1.41 18.40
N ASP B 264 -3.87 1.67 17.34
CA ASP B 264 -3.40 1.28 16.00
C ASP B 264 -2.49 2.36 15.45
N TYR B 265 -1.23 2.30 15.88
CA TYR B 265 -0.25 3.29 15.48
C TYR B 265 -0.07 3.32 13.97
N GLY B 266 -0.15 2.16 13.32
CA GLY B 266 0.07 2.06 11.88
C GLY B 266 -0.91 2.83 11.02
N GLU B 267 -2.11 3.17 11.54
CA GLU B 267 -3.07 3.97 10.77
C GLU B 267 -3.29 5.36 11.36
N SER B 268 -2.54 5.72 12.40
CA SER B 268 -2.49 7.07 12.96
C SER B 268 -3.79 7.51 13.62
N HIS B 269 -4.72 6.58 13.89
CA HIS B 269 -5.97 6.95 14.57
C HIS B 269 -5.97 6.64 16.06
N TYR B 270 -4.83 6.26 16.61
CA TYR B 270 -4.73 6.03 18.05
C TYR B 270 -5.07 7.30 18.84
N ILE B 271 -5.84 7.11 19.93
CA ILE B 271 -6.04 8.15 20.94
C ILE B 271 -5.43 7.77 22.28
N GLY B 272 -4.97 6.53 22.43
CA GLY B 272 -4.28 6.12 23.63
C GLY B 272 -2.82 6.53 23.60
N PRO B 273 -2.11 6.22 24.68
CA PRO B 273 -0.69 6.55 24.76
C PRO B 273 0.14 5.66 23.85
N TYR B 274 1.36 6.11 23.60
CA TYR B 274 2.36 5.29 22.91
C TYR B 274 2.98 4.38 23.95
N SER B 275 2.61 3.10 23.94
CA SER B 275 2.96 2.20 25.03
C SER B 275 4.39 1.70 24.89
N GLU B 276 5.01 1.47 26.04
CA GLU B 276 6.38 0.96 26.04
C GLU B 276 6.44 -0.48 25.54
N ALA B 277 5.41 -1.28 25.80
CA ALA B 277 5.51 -2.72 25.61
C ALA B 277 4.99 -3.23 24.27
N HIS B 278 4.37 -2.38 23.45
CA HIS B 278 3.86 -2.87 22.17
C HIS B 278 5.01 -3.16 21.21
N SER B 279 4.72 -3.98 20.21
CA SER B 279 5.70 -4.37 19.19
C SER B 279 5.60 -3.43 17.99
N ASP B 280 6.75 -2.90 17.57
CA ASP B 280 6.80 -1.99 16.43
C ASP B 280 6.61 -2.76 15.13
N ASP B 281 5.70 -2.29 14.29
CA ASP B 281 5.49 -2.86 12.96
C ASP B 281 6.08 -2.01 11.85
N GLY B 282 6.87 -1.00 12.18
CA GLY B 282 7.35 -0.03 11.23
C GLY B 282 6.75 1.35 11.45
N SER B 283 5.61 1.43 12.13
CA SER B 283 4.96 2.71 12.34
C SER B 283 5.65 3.59 13.37
N ALA B 284 6.60 3.08 14.15
CA ALA B 284 7.27 3.94 15.12
C ALA B 284 7.87 5.17 14.45
N GLN B 285 8.28 5.03 13.19
N GLN B 285 8.25 5.02 13.17
CA GLN B 285 8.85 6.14 12.43
CA GLN B 285 8.84 6.10 12.38
C GLN B 285 7.97 7.38 12.51
C GLN B 285 7.99 7.36 12.35
N TRP B 286 6.66 7.22 12.30
CA TRP B 286 5.75 8.36 12.26
C TRP B 286 4.91 8.52 13.52
N THR B 287 5.14 7.72 14.56
CA THR B 287 4.28 7.76 15.75
C THR B 287 5.00 7.95 17.09
N LYS B 288 6.25 7.48 17.19
CA LYS B 288 6.96 7.51 18.47
C LYS B 288 6.98 8.91 19.09
N ASP B 289 7.19 9.92 18.25
CA ASP B 289 7.30 11.29 18.73
C ASP B 289 6.03 12.10 18.47
N PHE B 290 4.89 11.43 18.23
CA PHE B 290 3.63 12.07 17.85
C PHE B 290 2.55 11.66 18.85
N PRO B 291 2.52 12.26 20.04
CA PRO B 291 1.47 11.92 21.00
C PRO B 291 0.10 12.34 20.49
N HIS B 292 -0.90 11.53 20.79
CA HIS B 292 -2.30 11.81 20.47
C HIS B 292 -3.17 11.87 21.71
N ASP B 293 -2.57 11.77 22.90
CA ASP B 293 -3.34 11.71 24.14
C ASP B 293 -4.29 12.88 24.31
N ALA B 294 -3.91 14.07 23.82
CA ALA B 294 -4.74 15.25 24.04
C ALA B 294 -6.09 15.15 23.33
N TRP B 295 -6.23 14.26 22.34
CA TRP B 295 -7.55 14.10 21.75
C TRP B 295 -8.55 13.53 22.74
N ARG B 296 -8.08 12.86 23.80
CA ARG B 296 -9.00 12.37 24.84
C ARG B 296 -9.64 13.50 25.62
N ILE B 297 -9.02 14.69 25.62
CA ILE B 297 -9.60 15.86 26.27
C ILE B 297 -10.88 16.30 25.56
N ILE B 298 -10.89 16.18 24.22
CA ILE B 298 -12.12 16.45 23.48
C ILE B 298 -13.14 15.34 23.71
N ALA B 299 -12.68 14.08 23.68
CA ALA B 299 -13.61 12.96 23.76
C ALA B 299 -14.37 12.94 25.09
N LYS B 300 -13.68 13.22 26.20
CA LYS B 300 -14.27 13.04 27.52
C LYS B 300 -15.62 13.75 27.72
N PRO B 301 -15.75 15.05 27.48
CA PRO B 301 -17.06 15.69 27.68
C PRO B 301 -18.11 15.24 26.67
N TYR B 302 -17.70 14.85 25.45
CA TYR B 302 -18.68 14.36 24.49
C TYR B 302 -19.17 12.97 24.88
N ILE B 303 -18.30 12.13 25.42
CA ILE B 303 -18.72 10.81 25.94
C ILE B 303 -19.75 10.98 27.05
N ALA B 304 -19.51 11.92 27.97
CA ALA B 304 -20.46 12.14 29.05
C ALA B 304 -21.79 12.64 28.52
N ALA B 305 -21.76 13.57 27.57
CA ALA B 305 -23.01 14.08 27.03
C ALA B 305 -23.75 13.01 26.27
N TYR B 306 -23.01 12.19 25.49
CA TYR B 306 -23.63 11.09 24.76
C TYR B 306 -24.35 10.13 25.70
N LYS B 307 -23.70 9.72 26.78
CA LYS B 307 -24.34 8.78 27.69
C LYS B 307 -25.57 9.40 28.35
N ALA B 308 -25.59 10.71 28.56
CA ALA B 308 -26.69 11.40 29.21
C ALA B 308 -27.79 11.82 28.24
N GLY B 309 -27.63 11.58 26.94
CA GLY B 309 -28.62 12.03 25.99
C GLY B 309 -28.65 13.52 25.75
N GLU B 310 -27.57 14.22 26.08
CA GLU B 310 -27.50 15.70 25.96
C GLU B 310 -27.09 16.13 24.55
N ARG B 311 -27.54 17.31 24.10
CA ARG B 311 -27.26 17.75 22.72
C ARG B 311 -25.98 18.57 22.65
N GLU B 312 -25.46 18.98 23.80
CA GLU B 312 -24.23 19.79 23.86
C GLU B 312 -23.37 19.30 25.00
N PRO B 313 -22.05 19.44 24.91
CA PRO B 313 -21.18 19.10 25.99
C PRO B 313 -21.19 20.17 27.10
N THR B 314 -20.65 19.82 28.25
CA THR B 314 -20.49 20.74 29.40
C THR B 314 -19.00 20.99 29.61
N VAL B 315 -18.62 22.24 29.85
CA VAL B 315 -17.20 22.61 30.10
C VAL B 315 -17.09 23.20 31.51
N GLU B 316 -16.41 22.50 32.39
CA GLU B 316 -16.22 23.01 33.75
C GLU B 316 -14.97 23.88 33.89
N SER B 317 -13.93 23.64 33.09
N SER B 317 -13.94 23.65 33.07
CA SER B 317 -12.70 24.42 33.17
CA SER B 317 -12.68 24.38 33.16
C SER B 317 -12.16 24.66 31.75
C SER B 317 -12.12 24.62 31.76
N ASP B 318 -11.36 25.72 31.61
CA ASP B 318 -10.85 26.11 30.30
C ASP B 318 -9.71 25.19 29.87
N GLN B 319 -9.77 24.75 28.62
CA GLN B 319 -8.71 23.89 28.02
C GLN B 319 -8.62 24.22 26.51
N LEU B 320 -7.52 23.80 25.90
CA LEU B 320 -7.32 23.92 24.44
C LEU B 320 -6.59 22.66 23.97
N VAL B 321 -6.99 22.16 22.82
CA VAL B 321 -6.33 21.01 22.15
C VAL B 321 -5.93 21.50 20.74
N TYR B 322 -4.71 21.21 20.32
CA TYR B 322 -4.25 21.60 18.99
C TYR B 322 -3.67 20.39 18.26
N TRP B 323 -3.69 20.44 16.92
CA TRP B 323 -3.03 19.41 16.12
C TRP B 323 -2.62 19.94 14.76
N TYR B 324 -1.55 19.39 14.21
CA TYR B 324 -1.06 19.79 12.90
C TYR B 324 -0.05 18.77 12.39
N ARG B 325 0.04 18.68 11.07
CA ARG B 325 1.02 17.82 10.40
C ARG B 325 2.43 18.41 10.50
N PRO B 326 3.46 17.58 10.30
CA PRO B 326 4.84 18.06 10.51
C PRO B 326 5.41 18.89 9.38
N THR B 327 4.81 18.89 8.19
CA THR B 327 5.36 19.58 7.02
C THR B 327 4.20 20.10 6.19
N PRO B 328 4.43 21.12 5.35
CA PRO B 328 3.47 21.42 4.28
C PRO B 328 3.28 20.20 3.38
N LYS B 329 2.08 20.08 2.80
CA LYS B 329 1.74 18.89 2.03
C LYS B 329 2.53 18.75 0.74
N ALA B 330 3.11 19.83 0.21
CA ALA B 330 3.82 19.79 -1.06
C ALA B 330 5.30 19.46 -0.91
N VAL B 331 5.79 19.21 0.31
CA VAL B 331 7.21 18.94 0.48
C VAL B 331 7.56 17.63 -0.22
N THR B 332 8.74 17.60 -0.85
CA THR B 332 9.17 16.50 -1.71
C THR B 332 10.13 15.62 -0.93
N CYS B 333 9.93 14.28 -0.99
N CYS B 333 9.89 14.31 -0.98
CA CYS B 333 10.83 13.31 -0.33
CA CYS B 333 10.81 13.34 -0.40
C CYS B 333 11.29 12.27 -1.36
C CYS B 333 11.17 12.36 -1.51
N SER B 334 12.28 12.65 -2.18
CA SER B 334 12.72 11.79 -3.27
C SER B 334 13.35 10.47 -2.81
N LYS B 335 13.77 10.35 -1.55
CA LYS B 335 14.40 9.11 -1.09
C LYS B 335 13.42 8.05 -0.61
N ASP B 336 12.14 8.41 -0.40
CA ASP B 336 11.15 7.50 0.16
C ASP B 336 10.60 6.57 -0.92
N PRO B 337 10.97 5.28 -0.92
CA PRO B 337 10.57 4.40 -2.03
C PRO B 337 9.08 4.09 -2.06
N LEU B 338 8.33 4.41 -0.98
CA LEU B 338 6.89 4.25 -1.01
C LEU B 338 6.19 5.34 -1.79
N GLY B 339 6.85 6.49 -2.00
CA GLY B 339 6.24 7.62 -2.64
C GLY B 339 5.20 8.29 -1.75
N PRO B 340 4.65 9.41 -2.23
CA PRO B 340 3.70 10.15 -1.41
C PRO B 340 2.42 9.35 -1.19
N PRO B 341 1.78 9.48 -0.03
CA PRO B 341 0.51 8.80 0.20
C PRO B 341 -0.57 9.31 -0.75
N ASN B 342 -1.46 8.41 -1.17
CA ASN B 342 -2.60 8.82 -1.96
C ASN B 342 -3.52 9.74 -1.15
N GLY B 343 -4.08 10.75 -1.82
CA GLY B 343 -5.05 11.64 -1.21
C GLY B 343 -4.50 12.95 -0.65
N ILE B 344 -3.18 13.09 -0.55
CA ILE B 344 -2.65 14.26 0.17
C ILE B 344 -2.99 15.58 -0.50
N ASN B 345 -3.24 15.58 -1.80
CA ASN B 345 -3.61 16.82 -2.49
C ASN B 345 -4.90 17.44 -1.93
N LEU B 346 -5.76 16.65 -1.28
CA LEU B 346 -7.03 17.16 -0.78
C LEU B 346 -6.92 17.72 0.63
N LEU B 347 -5.77 17.57 1.29
CA LEU B 347 -5.55 18.12 2.63
C LEU B 347 -5.31 19.62 2.54
N GLU B 348 -5.46 20.31 3.67
CA GLU B 348 -5.02 21.70 3.76
C GLU B 348 -3.83 21.81 4.71
N ASP B 349 -2.92 22.74 4.40
CA ASP B 349 -1.82 23.14 5.29
C ASP B 349 -2.38 24.02 6.37
N SER B 350 -2.82 23.39 7.46
CA SER B 350 -3.57 24.07 8.50
C SER B 350 -3.14 23.59 9.89
N VAL B 351 -3.26 24.50 10.84
CA VAL B 351 -3.18 24.21 12.27
C VAL B 351 -4.59 24.21 12.82
N PHE B 352 -4.98 23.15 13.53
CA PHE B 352 -6.32 23.01 14.09
C PHE B 352 -6.29 23.24 15.59
N VAL B 353 -7.27 24.00 16.09
CA VAL B 353 -7.40 24.32 17.51
C VAL B 353 -8.84 24.12 17.96
N THR B 354 -9.04 23.24 18.94
CA THR B 354 -10.33 23.12 19.62
C THR B 354 -10.20 23.77 20.99
N THR B 355 -10.99 24.81 21.24
CA THR B 355 -11.06 25.43 22.55
C THR B 355 -12.24 24.87 23.33
N LEU B 356 -12.05 24.67 24.64
CA LEU B 356 -13.08 24.19 25.56
C LEU B 356 -13.19 25.27 26.62
N LEU B 357 -14.22 26.10 26.56
CA LEU B 357 -14.23 27.33 27.34
C LEU B 357 -15.48 27.47 28.21
N THR B 358 -15.27 28.00 29.42
CA THR B 358 -16.37 28.29 30.32
C THR B 358 -17.11 29.58 29.97
N GLU B 359 -16.43 30.50 29.28
CA GLU B 359 -16.90 31.85 28.94
C GLU B 359 -16.23 32.22 27.62
N PRO B 360 -16.80 33.16 26.86
CA PRO B 360 -16.13 33.58 25.61
C PRO B 360 -14.74 34.13 25.88
N ALA B 361 -13.88 34.03 24.87
CA ALA B 361 -12.49 34.49 24.99
C ALA B 361 -11.96 34.81 23.60
N THR B 362 -10.68 35.16 23.52
CA THR B 362 -10.03 35.46 22.24
C THR B 362 -8.88 34.50 22.05
N LEU B 363 -8.82 33.85 20.89
CA LEU B 363 -7.78 32.89 20.55
C LEU B 363 -6.79 33.53 19.59
N THR B 364 -5.51 33.52 19.95
N THR B 364 -5.50 33.39 19.89
CA THR B 364 -4.45 33.92 19.04
CA THR B 364 -4.41 33.94 19.08
C THR B 364 -3.56 32.72 18.74
C THR B 364 -3.41 32.85 18.78
N VAL B 365 -3.12 32.62 17.49
CA VAL B 365 -2.28 31.52 17.04
C VAL B 365 -1.12 32.09 16.22
N GLY B 366 0.09 31.66 16.54
CA GLY B 366 1.26 31.93 15.72
C GLY B 366 1.67 30.65 15.01
N SER B 367 1.84 30.74 13.70
CA SER B 367 2.29 29.59 12.92
C SER B 367 3.42 30.06 12.02
N GLY B 368 4.66 29.75 12.41
CA GLY B 368 5.80 30.34 11.71
C GLY B 368 5.74 31.85 11.83
N SER B 369 5.84 32.53 10.70
CA SER B 369 5.85 33.98 10.70
C SER B 369 4.47 34.61 10.74
N LEU B 370 3.41 33.81 10.61
N LEU B 370 3.41 33.81 10.66
CA LEU B 370 2.05 34.34 10.56
CA LEU B 370 2.07 34.35 10.56
C LEU B 370 1.42 34.34 11.94
C LEU B 370 1.34 34.28 11.91
N GLU B 371 0.49 35.27 12.14
CA GLU B 371 -0.24 35.44 13.39
C GLU B 371 -1.71 35.66 13.09
N PHE B 372 -2.57 35.00 13.86
CA PHE B 372 -4.01 35.04 13.66
C PHE B 372 -4.72 35.33 14.97
N SER B 373 -5.92 35.91 14.88
CA SER B 373 -6.75 36.18 16.05
C SER B 373 -8.21 35.94 15.70
N VAL B 374 -8.94 35.30 16.60
CA VAL B 374 -10.38 35.12 16.42
C VAL B 374 -11.05 35.05 17.78
N ASP B 375 -12.22 35.68 17.91
CA ASP B 375 -13.01 35.52 19.11
C ASP B 375 -13.66 34.15 19.11
N VAL B 376 -13.74 33.52 20.29
CA VAL B 376 -14.26 32.17 20.43
C VAL B 376 -15.38 32.18 21.46
N ASP B 377 -16.50 31.55 21.13
CA ASP B 377 -17.60 31.42 22.08
C ASP B 377 -17.25 30.43 23.18
N ALA B 378 -18.01 30.50 24.27
CA ALA B 378 -18.02 29.45 25.26
C ALA B 378 -18.46 28.13 24.61
N GLY B 379 -18.14 27.03 25.29
CA GLY B 379 -18.39 25.70 24.75
C GLY B 379 -17.17 25.13 24.07
N ILE B 380 -17.41 24.18 23.17
CA ILE B 380 -16.31 23.48 22.48
C ILE B 380 -16.39 23.80 21.00
N VAL B 381 -15.36 24.47 20.49
CA VAL B 381 -15.34 25.09 19.16
C VAL B 381 -13.99 24.79 18.51
N THR B 382 -14.03 24.46 17.23
CA THR B 382 -12.81 24.25 16.44
C THR B 382 -12.61 25.36 15.41
N ASN B 383 -11.37 25.83 15.34
CA ASN B 383 -10.93 26.76 14.31
C ASN B 383 -9.69 26.21 13.66
N SER B 384 -9.46 26.58 12.39
CA SER B 384 -8.22 26.23 11.72
C SER B 384 -7.58 27.44 11.08
N PHE B 385 -6.26 27.38 10.91
CA PHE B 385 -5.43 28.52 10.51
C PHE B 385 -4.37 28.06 9.53
N PRO B 386 -3.95 28.93 8.61
CA PRO B 386 -2.87 28.59 7.68
C PRO B 386 -1.58 28.21 8.41
N MET B 387 -1.00 27.08 8.00
CA MET B 387 0.28 26.60 8.52
C MET B 387 1.46 27.39 7.96
N GLY B 388 2.37 27.78 8.87
CA GLY B 388 3.66 28.29 8.48
C GLY B 388 4.80 27.45 9.04
N VAL B 389 5.90 27.40 8.30
CA VAL B 389 7.09 26.69 8.75
C VAL B 389 7.72 27.40 9.94
N GLY B 390 8.12 26.63 10.96
CA GLY B 390 8.78 27.18 12.13
C GLY B 390 7.99 26.89 13.40
N SER B 391 8.16 27.77 14.39
CA SER B 391 7.54 27.54 15.68
C SER B 391 6.05 27.84 15.65
N GLN B 392 5.30 27.11 16.48
CA GLN B 392 3.86 27.25 16.60
C GLN B 392 3.57 27.73 18.01
N ALA B 393 2.61 28.67 18.14
CA ALA B 393 2.31 29.26 19.44
C ALA B 393 0.81 29.43 19.58
N PHE B 394 0.32 29.27 20.81
CA PHE B 394 -1.10 29.31 21.11
C PHE B 394 -1.34 30.17 22.35
N SER B 395 -2.43 30.95 22.32
CA SER B 395 -2.79 31.78 23.48
C SER B 395 -4.29 32.01 23.47
N VAL B 396 -4.91 31.92 24.65
CA VAL B 396 -6.29 32.35 24.85
C VAL B 396 -6.30 33.40 25.93
N THR B 397 -6.93 34.53 25.65
CA THR B 397 -6.97 35.65 26.58
C THR B 397 -8.42 35.99 26.92
N ARG B 398 -8.65 36.37 28.17
CA ARG B 398 -9.96 36.81 28.64
C ARG B 398 -9.76 37.84 29.74
N ASP B 399 -10.49 38.94 29.67
CA ASP B 399 -10.45 39.97 30.72
C ASP B 399 -9.02 40.48 30.99
N GLY B 400 -8.22 40.55 29.92
CA GLY B 400 -6.87 41.07 30.03
C GLY B 400 -5.85 40.14 30.63
N GLU B 401 -6.16 38.84 30.74
CA GLU B 401 -5.22 37.85 31.22
C GLU B 401 -5.12 36.73 30.20
N GLU B 402 -3.91 36.18 30.05
CA GLU B 402 -3.73 34.96 29.28
C GLU B 402 -4.16 33.80 30.17
N ILE B 403 -5.26 33.14 29.81
CA ILE B 403 -5.76 32.02 30.61
C ILE B 403 -5.18 30.68 30.19
N LEU B 404 -4.72 30.56 28.95
CA LEU B 404 -4.13 29.33 28.43
C LEU B 404 -3.07 29.73 27.42
N GLY B 405 -1.99 28.97 27.34
CA GLY B 405 -1.08 29.23 26.23
C GLY B 405 0.26 28.56 26.38
N GLY B 406 0.98 28.53 25.27
CA GLY B 406 2.33 28.02 25.22
C GLY B 406 2.73 27.68 23.80
N ASP B 407 3.89 27.04 23.68
CA ASP B 407 4.42 26.67 22.37
C ASP B 407 3.92 25.29 21.96
N GLY B 408 3.67 25.12 20.67
CA GLY B 408 3.44 23.79 20.15
C GLY B 408 4.67 22.92 20.34
N GLY B 409 4.44 21.63 20.60
CA GLY B 409 5.54 20.74 20.94
C GLY B 409 6.41 20.32 19.77
N LEU B 410 6.05 20.70 18.55
CA LEU B 410 6.82 20.34 17.36
C LEU B 410 6.91 21.55 16.42
N ASP B 411 8.11 21.89 15.98
CA ASP B 411 8.26 22.91 14.94
C ASP B 411 7.95 22.30 13.57
N VAL B 412 7.19 23.02 12.75
CA VAL B 412 6.89 22.58 11.40
C VAL B 412 8.12 22.81 10.51
N GLN B 413 8.45 21.84 9.67
N GLN B 413 8.45 21.84 9.67
CA GLN B 413 9.62 21.90 8.79
CA GLN B 413 9.63 21.88 8.81
C GLN B 413 9.19 21.82 7.34
C GLN B 413 9.19 21.86 7.35
N ASP B 414 10.04 22.33 6.43
N ASP B 414 10.06 22.33 6.44
CA ASP B 414 9.75 22.18 5.00
CA ASP B 414 9.77 22.19 5.03
C ASP B 414 10.70 21.20 4.33
C ASP B 414 10.72 21.21 4.33
N ARG B 415 11.40 20.38 5.11
CA ARG B 415 12.24 19.31 4.58
C ARG B 415 11.93 18.05 5.37
N CYS B 416 12.15 16.91 4.73
N CYS B 416 12.06 16.89 4.74
CA CYS B 416 11.67 15.60 5.14
CA CYS B 416 11.80 15.65 5.45
C CYS B 416 12.68 14.55 4.70
C CYS B 416 12.49 14.51 4.72
N ASP B 417 12.76 13.45 5.47
CA ASP B 417 13.42 12.25 4.96
C ASP B 417 12.44 11.18 4.52
N TYR B 418 11.19 11.23 4.99
N TYR B 418 11.20 11.24 4.99
CA TYR B 418 10.14 10.29 4.63
CA TYR B 418 10.15 10.35 4.54
C TYR B 418 8.80 10.97 4.86
C TYR B 418 8.84 11.09 4.70
N TYR B 419 7.80 10.61 4.03
CA TYR B 419 6.49 11.26 4.08
C TYR B 419 5.75 10.87 5.36
N ASN B 420 5.40 11.87 6.18
CA ASN B 420 4.67 11.66 7.44
C ASN B 420 3.43 12.54 7.41
N PHE B 421 2.26 11.91 7.27
CA PHE B 421 0.98 12.62 7.29
C PHE B 421 0.15 12.33 8.53
N ASN B 422 0.78 11.77 9.56
CA ASN B 422 0.24 11.80 10.92
C ASN B 422 0.30 13.24 11.43
N VAL B 423 -0.34 13.48 12.58
CA VAL B 423 -0.32 14.78 13.23
C VAL B 423 0.28 14.66 14.62
N TYR B 424 0.91 15.77 15.04
CA TYR B 424 1.29 16.03 16.43
C TYR B 424 0.08 16.67 17.13
N VAL B 425 -0.26 16.18 18.32
CA VAL B 425 -1.39 16.69 19.11
C VAL B 425 -0.89 17.15 20.47
N GLY B 426 -1.38 18.30 20.93
CA GLY B 426 -1.03 18.78 22.26
C GLY B 426 -2.18 19.53 22.90
N SER B 427 -1.94 20.01 24.13
CA SER B 427 -2.99 20.69 24.88
C SER B 427 -2.41 21.65 25.89
N PHE B 428 -3.27 22.56 26.36
CA PHE B 428 -3.04 23.38 27.55
C PHE B 428 -4.31 23.35 28.37
N SER B 429 -4.17 23.24 29.70
CA SER B 429 -5.32 23.23 30.58
C SER B 429 -5.11 24.28 31.64
N ALA B 430 -6.17 25.00 31.98
CA ALA B 430 -6.06 26.05 32.98
C ALA B 430 -5.63 25.42 34.30
S SO4 C . -1.74 -11.23 4.27
O1 SO4 C . -3.07 -11.76 3.96
O2 SO4 C . -1.64 -9.83 3.85
O3 SO4 C . -1.55 -11.30 5.73
O4 SO4 C . -0.72 -12.02 3.58
C1 BTB D . -18.43 3.95 -7.91
C1 BTB D . -18.38 3.89 -7.81
O1 BTB D . -18.37 4.86 -8.99
O1 BTB D . -18.26 4.69 -8.97
C2 BTB D . -17.14 3.97 -7.08
C2 BTB D . -17.13 3.96 -6.91
C3 BTB D . -15.95 3.68 -8.01
C3 BTB D . -15.90 3.68 -7.80
O3 BTB D . -16.07 2.39 -8.60
O3 BTB D . -15.95 2.34 -8.26
C4 BTB D . -16.94 5.35 -6.44
C4 BTB D . -17.02 5.35 -6.28
O4 BTB D . -18.05 5.73 -5.63
O4 BTB D . -15.77 5.59 -5.67
N BTB D . -17.18 2.87 -6.04
N BTB D . -17.22 2.86 -5.86
C5 BTB D . -18.48 2.72 -5.33
C5 BTB D . -18.55 2.69 -5.21
C6 BTB D . -19.07 1.33 -5.45
C6 BTB D . -19.12 1.30 -5.39
O6 BTB D . -19.26 0.97 -6.81
O6 BTB D . -19.20 0.95 -6.76
C7 BTB D . -16.03 2.98 -5.08
C7 BTB D . -16.09 2.83 -4.88
C8 BTB D . -15.85 1.74 -4.24
C8 BTB D . -15.92 1.48 -4.21
O8 BTB D . -15.63 0.60 -5.05
O8 BTB D . -15.70 0.47 -5.18
C1 BTB E . 6.51 4.72 -13.25
C1 BTB E . 6.32 5.14 -12.90
O1 BTB E . 6.16 5.44 -14.42
O1 BTB E . 6.42 5.14 -14.31
C2 BTB E . 5.58 3.52 -13.04
C2 BTB E . 5.51 3.94 -12.38
C3 BTB E . 5.79 2.47 -14.13
C3 BTB E . 6.16 2.62 -12.79
O3 BTB E . 7.08 1.89 -14.00
O3 BTB E . 5.94 2.27 -14.15
C4 BTB E . 5.88 2.86 -11.70
C4 BTB E . 5.46 4.01 -10.84
O4 BTB E . 6.11 3.80 -10.66
O4 BTB E . 6.76 3.99 -10.29
N BTB E . 4.14 3.98 -13.15
N BTB E . 4.11 4.10 -12.92
C5 BTB E . 3.17 2.84 -12.99
C5 BTB E . 3.30 2.85 -12.75
C6 BTB E . 2.19 2.76 -14.14
C6 BTB E . 2.47 2.53 -13.97
O6 BTB E . 2.88 2.94 -15.36
O6 BTB E . 3.23 2.70 -15.15
C7 BTB E . 3.82 5.13 -12.23
C7 BTB E . 3.48 5.27 -12.24
C8 BTB E . 2.43 5.72 -12.35
C8 BTB E . 2.21 5.77 -12.89
O8 BTB E . 2.23 6.34 -13.61
O8 BTB E . 2.47 6.12 -14.24
C1 BTB F . 2.20 13.09 -18.79
O1 BTB F . 1.83 12.32 -19.92
C2 BTB F . 3.20 12.31 -17.92
C3 BTB F . 4.48 12.05 -18.71
O3 BTB F . 4.30 11.06 -19.71
C4 BTB F . 3.53 13.12 -16.66
O4 BTB F . 2.38 13.68 -16.05
N BTB F . 2.65 10.94 -17.59
C5 BTB F . 3.64 10.09 -16.86
C6 BTB F . 3.34 8.61 -16.96
O6 BTB F . 3.50 8.15 -18.29
C7 BTB F . 1.35 10.96 -16.86
C8 BTB F . 0.17 10.66 -17.75
O8 BTB F . 0.44 9.53 -18.54
C1 BTB G . -8.11 -1.34 9.79
O1 BTB G . -7.59 -1.51 8.49
C2 BTB G . -7.25 -2.05 10.85
C3 BTB G . -5.76 -1.82 10.56
O3 BTB G . -4.97 -2.51 11.52
C4 BTB G . -7.58 -1.50 12.25
O4 BTB G . -7.32 -0.11 12.38
N BTB G . -7.55 -3.55 10.88
C5 BTB G . -7.12 -4.33 9.68
C6 BTB G . -7.17 -5.82 9.96
O6 BTB G . -6.33 -6.12 11.07
C7 BTB G . -8.97 -3.83 11.27
C8 BTB G . -9.05 -4.64 12.55
O8 BTB G . -8.08 -4.19 13.47
C1 BTB H . -0.70 -9.90 10.85
C1 BTB H . -0.75 -9.80 10.87
O1 BTB H . 0.55 -9.56 10.28
O1 BTB H . 0.52 -9.49 10.30
C2 BTB H . -0.73 -9.68 12.37
C2 BTB H . -0.77 -9.66 12.39
C3 BTB H . -2.06 -10.24 12.92
C3 BTB H . -2.09 -10.24 12.91
O3 BTB H . -2.37 -9.78 14.22
O3 BTB H . -2.48 -9.77 14.20
C4 BTB H . 0.44 -10.47 12.98
C4 BTB H . 0.42 -10.45 12.96
O4 BTB H . 0.53 -10.30 14.39
O4 BTB H . 0.58 -10.28 14.36
N BTB H . -0.63 -8.20 12.67
N BTB H . -0.63 -8.18 12.75
C5 BTB H . -1.61 -7.37 11.92
C5 BTB H . -1.63 -7.28 12.10
C6 BTB H . -2.75 -6.85 12.78
C6 BTB H . -2.76 -6.88 13.01
O6 BTB H . -3.67 -6.10 12.00
O6 BTB H . -2.29 -6.43 14.26
C7 BTB H . 0.75 -7.61 12.61
C7 BTB H . 0.76 -7.61 12.65
C8 BTB H . 1.40 -7.40 13.96
C8 BTB H . 1.44 -7.40 13.98
O8 BTB H . 0.51 -6.76 14.86
O8 BTB H . 0.57 -6.78 14.90
NA NA I . -1.63 36.41 7.99
#